data_7XRI
#
_entry.id   7XRI
#
_cell.length_a   130.376
_cell.length_b   153.391
_cell.length_c   91.252
_cell.angle_alpha   90.000
_cell.angle_beta   127.396
_cell.angle_gamma   90.000
#
_symmetry.space_group_name_H-M   'C 1 2 1'
#
loop_
_entity.id
_entity.type
_entity.pdbx_description
1 polymer 'Cinnamoyl esterase'
2 non-polymer 'ethyl (2E)-3-(4-hydroxy-3-methoxyphenyl)prop-2-enoate'
3 water water
#
_entity_poly.entity_id   1
_entity_poly.type   'polypeptide(L)'
_entity_poly.pdbx_seq_one_letter_code
;GTTENLYFQGSMSRITIERDGLTLVGDREEPFGEIYDMAILMHGFTANRNTPLLRQIADNLRDENVASVRFDFNGHGESD
GAFEDMTVCNEIADAQKILEYVRTDPHVRNIFLVGHAQGGVVASMLAGLYPDIVKKVVLLAPAAQLKDDALNGDTQGATY
NPEHIPAAIPFHGKKLGGFYLRTAQVLPIYEIAKHYTNPVSIIVGSNDQVVAPKYSKKYDEVYENSELHMVPDADHSFTG
QYKDSAVDLTAEFLKPLF
;
_entity_poly.pdbx_strand_id   A,B,C,D
#
loop_
_chem_comp.id
_chem_comp.type
_chem_comp.name
_chem_comp.formula
ZYC non-polymer 'ethyl (2E)-3-(4-hydroxy-3-methoxyphenyl)prop-2-enoate' 'C12 H14 O4'
#
# COMPACT_ATOMS: atom_id res chain seq x y z
N GLY A 1 -48.50 56.17 -19.23
CA GLY A 1 -48.21 55.54 -17.88
C GLY A 1 -48.12 54.02 -17.96
N THR A 2 -47.33 53.50 -18.89
CA THR A 2 -47.10 52.05 -19.06
C THR A 2 -46.23 51.48 -17.92
N THR A 3 -46.57 50.28 -17.39
CA THR A 3 -45.64 49.50 -16.52
C THR A 3 -45.25 48.14 -17.16
N GLU A 4 -44.01 47.70 -16.89
CA GLU A 4 -43.45 46.37 -17.30
C GLU A 4 -42.76 45.72 -16.10
N ASN A 5 -43.20 44.53 -15.69
CA ASN A 5 -42.63 43.80 -14.52
C ASN A 5 -42.30 42.35 -14.94
N LEU A 6 -41.01 42.09 -15.19
CA LEU A 6 -40.44 40.76 -15.47
C LEU A 6 -40.79 39.79 -14.32
N TYR A 7 -41.34 38.62 -14.62
CA TYR A 7 -41.69 37.58 -13.61
C TYR A 7 -41.08 36.22 -13.95
N PHE A 8 -40.52 36.04 -15.14
CA PHE A 8 -39.95 34.75 -15.59
C PHE A 8 -38.83 35.07 -16.57
N GLN A 9 -37.66 34.50 -16.33
CA GLN A 9 -36.54 34.65 -17.27
C GLN A 9 -35.68 33.38 -17.19
N GLY A 10 -35.36 32.78 -18.35
CA GLY A 10 -34.38 31.68 -18.38
C GLY A 10 -34.68 30.58 -19.37
N SER A 11 -34.14 29.40 -19.07
CA SER A 11 -34.29 28.22 -19.94
C SER A 11 -34.70 27.03 -19.08
N MET A 12 -35.43 26.15 -19.72
CA MET A 12 -35.85 24.87 -19.12
C MET A 12 -35.57 23.79 -20.15
N SER A 13 -34.95 22.69 -19.72
CA SER A 13 -34.41 21.53 -20.45
C SER A 13 -34.96 20.22 -19.89
N ARG A 14 -35.38 19.27 -20.72
CA ARG A 14 -35.68 17.88 -20.32
C ARG A 14 -34.35 17.13 -20.41
N ILE A 15 -33.88 16.57 -19.29
CA ILE A 15 -32.56 15.87 -19.22
C ILE A 15 -32.81 14.39 -18.98
N THR A 16 -32.04 13.52 -19.63
CA THR A 16 -31.97 12.08 -19.27
C THR A 16 -30.53 11.71 -18.95
N ILE A 17 -30.36 10.87 -17.93
CA ILE A 17 -29.04 10.41 -17.42
C ILE A 17 -29.15 8.89 -17.22
N GLU A 18 -28.03 8.19 -17.32
CA GLU A 18 -27.97 6.72 -17.13
C GLU A 18 -27.44 6.42 -15.72
N ARG A 19 -28.08 5.49 -15.04
CA ARG A 19 -27.46 4.84 -13.86
C ARG A 19 -27.65 3.33 -13.99
N ASP A 20 -26.56 2.56 -14.13
CA ASP A 20 -26.56 1.08 -14.28
C ASP A 20 -27.62 0.61 -15.30
N GLY A 21 -27.67 1.19 -16.47
CA GLY A 21 -28.66 0.69 -17.47
C GLY A 21 -30.09 1.19 -17.26
N LEU A 22 -30.38 2.04 -16.25
CA LEU A 22 -31.68 2.77 -16.06
C LEU A 22 -31.56 4.21 -16.59
N THR A 23 -32.55 4.66 -17.34
CA THR A 23 -32.74 6.08 -17.71
C THR A 23 -33.49 6.80 -16.59
N LEU A 24 -32.88 7.84 -16.05
CA LEU A 24 -33.51 8.80 -15.11
C LEU A 24 -33.85 10.06 -15.89
N VAL A 25 -35.07 10.56 -15.69
CA VAL A 25 -35.66 11.68 -16.46
C VAL A 25 -35.78 12.88 -15.52
N GLY A 26 -35.28 14.03 -15.95
CA GLY A 26 -35.33 15.27 -15.13
C GLY A 26 -35.66 16.52 -15.95
N ASP A 27 -35.94 17.59 -15.20
CA ASP A 27 -36.16 18.96 -15.69
C ASP A 27 -35.10 19.85 -15.08
N ARG A 28 -34.42 20.57 -15.94
CA ARG A 28 -33.39 21.56 -15.60
C ARG A 28 -33.92 22.95 -15.87
N GLU A 29 -33.81 23.80 -14.88
CA GLU A 29 -34.22 25.23 -14.97
C GLU A 29 -32.99 26.07 -14.63
N GLU A 30 -32.73 27.04 -15.47
CA GLU A 30 -31.59 27.96 -15.34
C GLU A 30 -32.06 29.40 -15.51
N PRO A 31 -31.39 30.37 -14.90
CA PRO A 31 -31.69 31.75 -15.18
C PRO A 31 -30.83 32.17 -16.39
N PHE A 32 -30.97 33.42 -16.82
CA PHE A 32 -30.08 33.87 -17.90
C PHE A 32 -28.69 34.13 -17.27
N GLY A 33 -27.63 33.98 -18.03
CA GLY A 33 -26.32 34.16 -17.39
C GLY A 33 -25.48 32.94 -17.61
N GLU A 34 -24.18 33.14 -17.71
CA GLU A 34 -23.24 32.07 -18.06
C GLU A 34 -22.88 31.23 -16.84
N ILE A 35 -22.92 31.80 -15.65
CA ILE A 35 -22.53 31.06 -14.43
C ILE A 35 -23.64 31.17 -13.37
N TYR A 36 -23.94 30.09 -12.67
CA TYR A 36 -24.99 30.10 -11.62
C TYR A 36 -24.72 28.96 -10.61
N ASP A 37 -25.10 29.18 -9.35
CA ASP A 37 -25.26 28.09 -8.38
C ASP A 37 -26.35 27.17 -8.94
N MET A 38 -26.36 25.93 -8.50
CA MET A 38 -27.29 24.89 -8.97
C MET A 38 -27.77 24.02 -7.81
N ALA A 39 -29.08 23.86 -7.66
CA ALA A 39 -29.73 23.01 -6.63
C ALA A 39 -30.20 21.70 -7.27
N ILE A 40 -29.97 20.58 -6.62
CA ILE A 40 -30.58 19.27 -6.95
C ILE A 40 -31.77 19.10 -6.00
N LEU A 41 -32.99 19.01 -6.55
CA LEU A 41 -34.26 18.89 -5.81
C LEU A 41 -34.69 17.43 -5.86
N MET A 42 -34.94 16.82 -4.70
CA MET A 42 -35.25 15.38 -4.60
C MET A 42 -36.64 15.16 -3.96
N HIS A 43 -37.52 14.46 -4.67
CA HIS A 43 -38.92 14.17 -4.27
C HIS A 43 -38.94 13.03 -3.25
N GLY A 44 -40.12 12.80 -2.69
CA GLY A 44 -40.42 11.79 -1.67
C GLY A 44 -40.85 10.43 -2.26
N PHE A 45 -41.10 9.51 -1.35
CA PHE A 45 -41.66 8.16 -1.54
C PHE A 45 -43.03 8.26 -2.21
N THR A 46 -43.13 7.64 -3.38
CA THR A 46 -44.30 7.55 -4.31
C THR A 46 -44.60 8.87 -5.01
N ALA A 47 -43.81 9.92 -4.80
CA ALA A 47 -44.04 11.22 -5.47
C ALA A 47 -43.24 11.26 -6.78
N ASN A 48 -43.00 12.44 -7.32
CA ASN A 48 -42.28 12.59 -8.60
C ASN A 48 -41.68 13.99 -8.64
N ARG A 49 -40.97 14.31 -9.71
CA ARG A 49 -40.08 15.48 -9.76
C ARG A 49 -40.92 16.73 -9.99
N ASN A 50 -42.20 16.54 -10.29
CA ASN A 50 -43.07 17.65 -10.77
C ASN A 50 -44.22 17.84 -9.80
N THR A 51 -44.03 17.58 -8.49
CA THR A 51 -44.99 18.02 -7.46
C THR A 51 -45.04 19.55 -7.48
N PRO A 52 -46.17 20.15 -7.02
CA PRO A 52 -46.28 21.59 -6.86
C PRO A 52 -45.11 22.20 -6.06
N LEU A 53 -44.75 21.58 -4.95
CA LEU A 53 -43.63 22.01 -4.09
C LEU A 53 -42.33 22.16 -4.92
N LEU A 54 -41.93 21.12 -5.65
CA LEU A 54 -40.60 21.09 -6.33
C LEU A 54 -40.61 22.06 -7.53
N ARG A 55 -41.72 22.16 -8.27
CA ARG A 55 -41.96 23.16 -9.36
C ARG A 55 -41.76 24.57 -8.79
N GLN A 56 -42.38 24.84 -7.62
CA GLN A 56 -42.41 26.23 -7.07
C GLN A 56 -40.99 26.55 -6.56
N ILE A 57 -40.32 25.56 -5.96
CA ILE A 57 -38.90 25.70 -5.50
C ILE A 57 -38.03 26.05 -6.70
N ALA A 58 -38.08 25.29 -7.79
CA ALA A 58 -37.28 25.54 -9.00
C ALA A 58 -37.59 26.94 -9.52
N ASP A 59 -38.85 27.37 -9.45
CA ASP A 59 -39.29 28.69 -10.00
C ASP A 59 -38.69 29.82 -9.16
N ASN A 60 -38.85 29.76 -7.84
CA ASN A 60 -38.33 30.84 -6.96
C ASN A 60 -36.80 30.81 -6.90
N LEU A 61 -36.14 29.64 -6.98
CA LEU A 61 -34.66 29.62 -7.05
C LEU A 61 -34.22 30.38 -8.31
N ARG A 62 -34.84 30.07 -9.44
CA ARG A 62 -34.50 30.70 -10.74
C ARG A 62 -34.63 32.24 -10.63
N ASP A 63 -35.70 32.73 -10.02
CA ASP A 63 -35.91 34.16 -9.70
C ASP A 63 -34.69 34.74 -8.96
N GLU A 64 -33.98 33.93 -8.15
CA GLU A 64 -32.81 34.38 -7.34
C GLU A 64 -31.50 34.00 -8.04
N ASN A 65 -31.54 33.67 -9.32
CA ASN A 65 -30.36 33.33 -10.18
C ASN A 65 -29.72 32.03 -9.67
N VAL A 66 -30.54 31.10 -9.17
CA VAL A 66 -30.11 29.71 -8.81
C VAL A 66 -30.81 28.71 -9.76
N ALA A 67 -30.02 28.02 -10.56
CA ALA A 67 -30.45 26.91 -11.44
C ALA A 67 -30.88 25.74 -10.57
N SER A 68 -31.63 24.82 -11.14
CA SER A 68 -32.10 23.57 -10.48
C SER A 68 -32.24 22.42 -11.49
N VAL A 69 -32.05 21.21 -10.99
CA VAL A 69 -32.43 19.96 -11.69
C VAL A 69 -33.26 19.16 -10.72
N ARG A 70 -34.29 18.51 -11.24
CA ARG A 70 -35.15 17.63 -10.42
C ARG A 70 -35.39 16.43 -11.30
N PHE A 71 -35.06 15.23 -10.78
CA PHE A 71 -35.16 13.93 -11.48
C PHE A 71 -36.19 13.07 -10.76
N ASP A 72 -36.93 12.26 -11.53
CA ASP A 72 -37.66 11.09 -11.02
C ASP A 72 -36.62 10.04 -10.60
N PHE A 73 -36.67 9.67 -9.35
CA PHE A 73 -35.96 8.46 -8.82
C PHE A 73 -36.45 7.22 -9.55
N ASN A 74 -35.57 6.21 -9.59
CA ASN A 74 -35.85 4.89 -10.22
C ASN A 74 -37.18 4.40 -9.62
N GLY A 75 -38.01 3.78 -10.43
CA GLY A 75 -39.29 3.23 -9.95
C GLY A 75 -40.34 4.30 -9.75
N HIS A 76 -40.12 5.54 -10.17
CA HIS A 76 -41.03 6.68 -9.93
C HIS A 76 -41.21 7.50 -11.22
N GLY A 77 -42.38 8.12 -11.42
CA GLY A 77 -42.58 9.13 -12.46
C GLY A 77 -42.24 8.56 -13.82
N GLU A 78 -41.41 9.22 -14.61
CA GLU A 78 -41.05 8.73 -15.96
C GLU A 78 -39.73 7.98 -15.94
N SER A 79 -39.05 7.83 -14.81
CA SER A 79 -37.71 7.18 -14.88
C SER A 79 -37.90 5.66 -15.01
N ASP A 80 -36.87 4.94 -15.41
CA ASP A 80 -36.93 3.46 -15.54
C ASP A 80 -36.96 2.82 -14.15
N GLY A 81 -37.31 1.54 -14.10
CA GLY A 81 -37.12 0.59 -12.96
C GLY A 81 -38.46 0.26 -12.34
N ALA A 82 -38.64 -0.93 -11.79
CA ALA A 82 -39.91 -1.27 -11.12
C ALA A 82 -39.94 -0.60 -9.71
N PHE A 83 -41.08 -0.05 -9.32
CA PHE A 83 -41.25 0.48 -7.95
C PHE A 83 -40.71 -0.50 -6.90
N GLU A 84 -41.02 -1.78 -7.06
CA GLU A 84 -40.67 -2.85 -6.11
C GLU A 84 -39.15 -3.08 -6.00
N ASP A 85 -38.35 -2.59 -6.94
CA ASP A 85 -36.86 -2.67 -6.92
C ASP A 85 -36.26 -1.40 -6.27
N MET A 86 -37.05 -0.36 -6.00
CA MET A 86 -36.47 0.89 -5.43
C MET A 86 -36.08 0.62 -3.98
N THR A 87 -34.93 1.17 -3.54
CA THR A 87 -34.49 1.17 -2.11
C THR A 87 -33.98 2.58 -1.84
N VAL A 88 -33.79 2.94 -0.58
CA VAL A 88 -33.17 4.24 -0.25
C VAL A 88 -31.75 4.25 -0.87
N CYS A 89 -31.02 3.13 -0.79
CA CYS A 89 -29.62 2.99 -1.28
C CYS A 89 -29.52 3.26 -2.79
N ASN A 90 -30.42 2.68 -3.60
CA ASN A 90 -30.32 2.87 -5.07
C ASN A 90 -30.83 4.26 -5.44
N GLU A 91 -31.63 4.91 -4.59
CA GLU A 91 -31.98 6.35 -4.79
C GLU A 91 -30.74 7.22 -4.50
N ILE A 92 -29.93 6.83 -3.52
CA ILE A 92 -28.61 7.50 -3.26
C ILE A 92 -27.73 7.32 -4.50
N ALA A 93 -27.74 6.16 -5.14
CA ALA A 93 -26.95 5.95 -6.37
C ALA A 93 -27.51 6.83 -7.49
N ASP A 94 -28.81 6.93 -7.66
CA ASP A 94 -29.39 7.87 -8.66
C ASP A 94 -28.83 9.30 -8.39
N ALA A 95 -28.92 9.76 -7.14
CA ALA A 95 -28.60 11.15 -6.75
C ALA A 95 -27.12 11.40 -7.02
N GLN A 96 -26.29 10.39 -6.85
CA GLN A 96 -24.84 10.51 -7.11
C GLN A 96 -24.63 10.75 -8.61
N LYS A 97 -25.30 10.02 -9.50
CA LYS A 97 -25.15 10.30 -10.97
C LYS A 97 -25.63 11.70 -11.32
N ILE A 98 -26.65 12.18 -10.66
CA ILE A 98 -27.14 13.56 -10.88
C ILE A 98 -26.08 14.55 -10.41
N LEU A 99 -25.49 14.29 -9.23
CA LEU A 99 -24.43 15.18 -8.67
C LEU A 99 -23.25 15.27 -9.65
N GLU A 100 -22.88 14.16 -10.23
CA GLU A 100 -21.76 14.07 -11.21
C GLU A 100 -22.18 14.83 -12.48
N TYR A 101 -23.40 14.64 -12.98
CA TYR A 101 -23.94 15.47 -14.10
C TYR A 101 -23.72 16.98 -13.77
N VAL A 102 -24.13 17.44 -12.60
CA VAL A 102 -24.04 18.87 -12.20
C VAL A 102 -22.59 19.32 -11.98
N ARG A 103 -21.77 18.53 -11.26
CA ARG A 103 -20.37 18.91 -10.88
C ARG A 103 -19.54 19.10 -12.15
N THR A 104 -19.86 18.37 -13.22
CA THR A 104 -19.17 18.30 -14.54
C THR A 104 -19.66 19.43 -15.46
N ASP A 105 -20.70 20.18 -15.07
CA ASP A 105 -21.32 21.21 -15.93
C ASP A 105 -20.50 22.49 -15.88
N PRO A 106 -20.00 23.00 -17.03
CA PRO A 106 -19.14 24.19 -17.03
C PRO A 106 -19.82 25.51 -16.59
N HIS A 107 -21.15 25.59 -16.53
CA HIS A 107 -21.85 26.82 -16.12
C HIS A 107 -21.92 26.92 -14.58
N VAL A 108 -21.64 25.87 -13.82
CA VAL A 108 -22.06 25.78 -12.39
C VAL A 108 -20.96 26.32 -11.47
N ARG A 109 -21.38 27.05 -10.44
CA ARG A 109 -20.49 27.51 -9.32
C ARG A 109 -20.70 26.56 -8.14
N ASN A 110 -21.62 26.84 -7.22
CA ASN A 110 -21.77 25.99 -6.01
C ASN A 110 -22.95 25.04 -6.17
N ILE A 111 -22.87 23.87 -5.56
CA ILE A 111 -23.91 22.81 -5.63
C ILE A 111 -24.65 22.73 -4.30
N PHE A 112 -25.97 22.83 -4.36
CA PHE A 112 -26.91 22.72 -3.22
C PHE A 112 -27.76 21.46 -3.35
N LEU A 113 -28.14 20.83 -2.24
CA LEU A 113 -29.15 19.74 -2.23
C LEU A 113 -30.41 20.22 -1.51
N VAL A 114 -31.57 19.89 -2.05
CA VAL A 114 -32.92 20.13 -1.47
C VAL A 114 -33.67 18.81 -1.55
N GLY A 115 -34.03 18.22 -0.40
CA GLY A 115 -34.72 16.93 -0.38
C GLY A 115 -35.97 17.04 0.45
N HIS A 116 -37.09 16.60 -0.08
CA HIS A 116 -38.36 16.50 0.68
C HIS A 116 -38.52 15.05 1.16
N ALA A 117 -38.70 14.86 2.45
CA ALA A 117 -39.17 13.60 3.06
C ALA A 117 -38.11 12.49 2.83
N GLN A 118 -38.44 11.42 2.12
CA GLN A 118 -37.50 10.32 1.76
C GLN A 118 -36.40 10.94 0.91
N GLY A 119 -36.75 11.95 0.10
CA GLY A 119 -35.78 12.72 -0.66
C GLY A 119 -34.85 13.47 0.27
N GLY A 120 -35.33 13.85 1.48
CA GLY A 120 -34.51 14.51 2.51
C GLY A 120 -33.53 13.53 3.16
N VAL A 121 -33.95 12.28 3.37
CA VAL A 121 -33.03 11.21 3.81
C VAL A 121 -31.95 11.04 2.75
N VAL A 122 -32.34 10.99 1.47
CA VAL A 122 -31.38 10.74 0.37
C VAL A 122 -30.39 11.90 0.36
N ALA A 123 -30.89 13.13 0.32
CA ALA A 123 -30.08 14.38 0.34
C ALA A 123 -29.11 14.34 1.51
N SER A 124 -29.57 13.99 2.70
CA SER A 124 -28.68 14.04 3.90
C SER A 124 -27.55 13.02 3.75
N MET A 125 -27.82 11.83 3.21
CA MET A 125 -26.71 10.83 3.13
C MET A 125 -25.82 11.16 1.93
N LEU A 126 -26.35 11.67 0.80
CA LEU A 126 -25.50 12.15 -0.31
C LEU A 126 -24.56 13.25 0.16
N ALA A 127 -25.06 14.21 0.95
CA ALA A 127 -24.25 15.34 1.46
C ALA A 127 -23.12 14.78 2.36
N GLY A 128 -23.44 13.76 3.16
CA GLY A 128 -22.48 13.09 4.05
C GLY A 128 -21.37 12.39 3.26
N LEU A 129 -21.67 11.90 2.05
CA LEU A 129 -20.73 11.19 1.13
C LEU A 129 -19.92 12.21 0.31
N TYR A 130 -20.47 13.43 0.11
CA TYR A 130 -19.81 14.51 -0.68
C TYR A 130 -19.83 15.82 0.07
N PRO A 131 -19.34 15.89 1.33
CA PRO A 131 -19.32 17.14 2.08
C PRO A 131 -18.28 18.15 1.56
N ASP A 132 -17.28 17.70 0.81
CA ASP A 132 -16.26 18.54 0.12
C ASP A 132 -16.92 19.27 -1.07
N ILE A 133 -18.02 18.74 -1.58
CA ILE A 133 -18.59 19.22 -2.87
C ILE A 133 -19.87 20.00 -2.57
N VAL A 134 -20.74 19.50 -1.70
CA VAL A 134 -22.05 20.16 -1.44
C VAL A 134 -21.84 21.40 -0.55
N LYS A 135 -22.34 22.57 -0.96
CA LYS A 135 -22.14 23.85 -0.21
C LYS A 135 -23.31 24.20 0.71
N LYS A 136 -24.54 23.79 0.38
CA LYS A 136 -25.70 24.08 1.25
C LYS A 136 -26.70 22.94 1.07
N VAL A 137 -27.44 22.61 2.10
CA VAL A 137 -28.47 21.54 2.07
C VAL A 137 -29.74 22.09 2.68
N VAL A 138 -30.86 21.87 2.01
CA VAL A 138 -32.21 22.10 2.64
C VAL A 138 -32.90 20.75 2.75
N LEU A 139 -33.24 20.34 3.98
CA LEU A 139 -34.10 19.16 4.27
C LEU A 139 -35.52 19.62 4.62
N LEU A 140 -36.49 19.15 3.87
CA LEU A 140 -37.93 19.43 4.15
C LEU A 140 -38.59 18.16 4.67
N ALA A 141 -39.00 18.15 5.94
CA ALA A 141 -39.68 17.01 6.58
C ALA A 141 -38.90 15.72 6.35
N PRO A 142 -37.57 15.70 6.57
CA PRO A 142 -36.77 14.52 6.21
C PRO A 142 -37.29 13.26 6.91
N ALA A 143 -37.50 12.17 6.17
CA ALA A 143 -38.33 11.02 6.59
C ALA A 143 -37.45 9.93 7.23
N ALA A 144 -36.62 10.27 8.19
CA ALA A 144 -35.69 9.32 8.81
C ALA A 144 -36.48 8.24 9.57
N GLN A 145 -37.76 8.50 9.83
CA GLN A 145 -38.70 7.53 10.46
C GLN A 145 -38.78 6.23 9.67
N LEU A 146 -38.47 6.21 8.37
CA LEU A 146 -38.67 4.96 7.58
C LEU A 146 -37.81 3.83 8.18
N LYS A 147 -36.71 4.18 8.84
CA LYS A 147 -35.82 3.18 9.46
C LYS A 147 -36.53 2.59 10.69
N ASP A 148 -36.93 3.45 11.64
CA ASP A 148 -37.66 2.98 12.85
C ASP A 148 -38.91 2.18 12.45
N ASP A 149 -39.68 2.60 11.44
CA ASP A 149 -40.91 1.88 11.06
C ASP A 149 -40.56 0.48 10.50
N ALA A 150 -39.50 0.36 9.69
CA ALA A 150 -39.05 -0.92 9.12
C ALA A 150 -38.57 -1.84 10.25
N LEU A 151 -37.88 -1.30 11.25
CA LEU A 151 -37.47 -2.08 12.44
C LEU A 151 -38.67 -2.50 13.30
N ASN A 152 -39.77 -1.74 13.30
CA ASN A 152 -40.98 -2.07 14.09
C ASN A 152 -41.96 -2.91 13.26
N GLY A 153 -41.77 -3.05 11.95
CA GLY A 153 -42.67 -3.88 11.11
C GLY A 153 -44.02 -3.22 10.91
N ASP A 154 -44.00 -1.89 10.80
CA ASP A 154 -45.20 -1.06 10.54
C ASP A 154 -44.79 0.15 9.71
N THR A 155 -44.99 0.04 8.42
CA THR A 155 -44.64 1.09 7.44
C THR A 155 -45.92 1.73 6.92
N GLN A 156 -46.25 2.89 7.45
CA GLN A 156 -47.49 3.66 7.12
C GLN A 156 -48.71 2.73 7.10
N GLY A 157 -48.93 1.94 8.12
CA GLY A 157 -50.12 1.08 8.03
C GLY A 157 -49.83 -0.30 7.49
N ALA A 158 -48.82 -0.52 6.68
CA ALA A 158 -48.55 -1.90 6.24
C ALA A 158 -47.72 -2.63 7.32
N THR A 159 -48.20 -3.77 7.84
CA THR A 159 -47.55 -4.53 8.95
C THR A 159 -46.95 -5.83 8.41
N TYR A 160 -45.90 -6.32 9.06
CA TYR A 160 -45.10 -7.48 8.60
C TYR A 160 -44.19 -7.82 9.77
N ASN A 161 -43.64 -9.02 9.78
CA ASN A 161 -42.72 -9.45 10.85
C ASN A 161 -41.36 -8.88 10.47
N PRO A 162 -40.77 -7.94 11.26
CA PRO A 162 -39.52 -7.29 10.89
C PRO A 162 -38.33 -8.26 10.86
N GLU A 163 -38.51 -9.49 11.38
CA GLU A 163 -37.47 -10.56 11.39
C GLU A 163 -37.68 -11.58 10.27
N HIS A 164 -38.83 -11.57 9.59
CA HIS A 164 -39.10 -12.46 8.44
C HIS A 164 -39.82 -11.60 7.38
N ILE A 165 -39.14 -10.60 6.82
CA ILE A 165 -39.72 -9.61 5.87
C ILE A 165 -40.01 -10.34 4.57
N PRO A 166 -41.25 -10.30 4.05
CA PRO A 166 -41.56 -11.01 2.80
C PRO A 166 -40.77 -10.44 1.61
N ALA A 167 -40.86 -11.11 0.46
CA ALA A 167 -40.22 -10.71 -0.81
C ALA A 167 -40.67 -9.30 -1.18
N ALA A 168 -41.90 -8.95 -0.83
CA ALA A 168 -42.61 -7.72 -1.25
C ALA A 168 -43.90 -7.65 -0.45
N ILE A 169 -44.35 -6.44 -0.12
CA ILE A 169 -45.64 -6.23 0.60
C ILE A 169 -46.56 -5.35 -0.26
N PRO A 170 -47.88 -5.65 -0.23
CA PRO A 170 -48.89 -4.76 -0.80
C PRO A 170 -48.79 -3.36 -0.17
N PHE A 171 -48.70 -2.33 -1.00
CA PHE A 171 -48.60 -0.93 -0.53
C PHE A 171 -49.44 -0.01 -1.42
N HIS A 172 -50.64 0.36 -0.93
CA HIS A 172 -51.56 1.36 -1.53
C HIS A 172 -51.54 1.27 -3.05
N GLY A 173 -51.86 0.13 -3.67
CA GLY A 173 -51.87 -0.06 -5.14
C GLY A 173 -50.60 -0.71 -5.66
N LYS A 174 -49.49 -0.60 -4.91
CA LYS A 174 -48.13 -0.92 -5.41
C LYS A 174 -47.59 -2.12 -4.64
N LYS A 175 -46.39 -2.54 -5.02
CA LYS A 175 -45.61 -3.64 -4.41
C LYS A 175 -44.31 -3.02 -3.86
N LEU A 176 -44.17 -2.93 -2.53
CA LEU A 176 -42.95 -2.46 -1.84
C LEU A 176 -41.97 -3.63 -1.67
N GLY A 177 -40.73 -3.43 -2.07
CA GLY A 177 -39.70 -4.48 -2.10
C GLY A 177 -39.37 -4.92 -0.69
N GLY A 178 -39.30 -6.22 -0.47
CA GLY A 178 -38.65 -6.74 0.75
C GLY A 178 -37.26 -6.11 0.94
N PHE A 179 -36.53 -5.92 -0.13
CA PHE A 179 -35.15 -5.36 -0.04
C PHE A 179 -35.18 -3.89 0.45
N TYR A 180 -36.20 -3.12 0.09
CA TYR A 180 -36.35 -1.74 0.59
C TYR A 180 -36.40 -1.82 2.12
N LEU A 181 -37.21 -2.75 2.64
CA LEU A 181 -37.45 -2.81 4.10
C LEU A 181 -36.18 -3.35 4.82
N ARG A 182 -35.51 -4.34 4.25
CA ARG A 182 -34.31 -4.92 4.91
C ARG A 182 -33.20 -3.87 4.93
N THR A 183 -32.99 -3.13 3.84
CA THR A 183 -31.94 -2.09 3.85
C THR A 183 -32.40 -0.94 4.76
N ALA A 184 -33.66 -0.56 4.75
CA ALA A 184 -34.12 0.58 5.62
C ALA A 184 -33.72 0.29 7.08
N GLN A 185 -33.89 -0.95 7.54
CA GLN A 185 -33.59 -1.34 8.94
C GLN A 185 -32.14 -1.00 9.37
N VAL A 186 -31.17 -0.98 8.46
CA VAL A 186 -29.72 -0.86 8.81
C VAL A 186 -29.13 0.40 8.17
N LEU A 187 -29.96 1.33 7.71
CA LEU A 187 -29.50 2.55 7.00
C LEU A 187 -28.74 3.40 8.01
N PRO A 188 -27.45 3.73 7.79
CA PRO A 188 -26.73 4.57 8.74
C PRO A 188 -27.03 6.07 8.48
N ILE A 189 -28.28 6.45 8.71
CA ILE A 189 -28.79 7.79 8.27
C ILE A 189 -27.99 8.89 8.95
N TYR A 190 -28.07 8.96 10.27
CA TYR A 190 -27.45 10.06 11.06
C TYR A 190 -25.93 9.90 11.07
N GLU A 191 -25.45 8.66 10.98
CA GLU A 191 -23.99 8.35 11.05
C GLU A 191 -23.35 8.99 9.82
N ILE A 192 -24.00 8.90 8.66
CA ILE A 192 -23.42 9.48 7.40
C ILE A 192 -23.75 10.97 7.32
N ALA A 193 -24.97 11.39 7.66
CA ALA A 193 -25.41 12.81 7.54
C ALA A 193 -24.46 13.73 8.31
N LYS A 194 -23.96 13.29 9.48
CA LYS A 194 -23.17 14.17 10.38
C LYS A 194 -21.81 14.51 9.75
N HIS A 195 -21.35 13.87 8.67
CA HIS A 195 -20.06 14.23 8.02
C HIS A 195 -20.18 15.57 7.29
N TYR A 196 -21.41 16.04 7.06
CA TYR A 196 -21.64 17.31 6.34
C TYR A 196 -21.65 18.44 7.37
N THR A 197 -20.64 19.32 7.34
CA THR A 197 -20.43 20.41 8.33
C THR A 197 -20.74 21.78 7.71
N ASN A 198 -21.13 21.85 6.44
CA ASN A 198 -21.49 23.11 5.75
C ASN A 198 -22.93 23.50 6.14
N PRO A 199 -23.48 24.69 5.77
CA PRO A 199 -24.80 25.07 6.25
C PRO A 199 -25.93 24.13 5.82
N VAL A 200 -26.83 23.87 6.75
CA VAL A 200 -28.04 23.02 6.57
C VAL A 200 -29.24 23.84 7.06
N SER A 201 -30.34 23.89 6.29
CA SER A 201 -31.63 24.31 6.82
C SER A 201 -32.56 23.12 6.86
N ILE A 202 -33.27 22.98 7.97
CA ILE A 202 -34.26 21.89 8.22
C ILE A 202 -35.62 22.56 8.40
N ILE A 203 -36.56 22.27 7.50
CA ILE A 203 -37.90 22.91 7.47
C ILE A 203 -38.91 21.82 7.80
N VAL A 204 -39.72 21.98 8.82
CA VAL A 204 -40.68 20.91 9.23
C VAL A 204 -42.03 21.55 9.55
N GLY A 205 -43.11 20.92 9.13
CA GLY A 205 -44.47 21.36 9.51
C GLY A 205 -44.83 20.87 10.90
N SER A 206 -45.31 21.76 11.79
CA SER A 206 -45.88 21.51 13.15
C SER A 206 -46.97 20.43 13.07
N ASN A 207 -47.71 20.38 11.96
CA ASN A 207 -48.84 19.42 11.83
C ASN A 207 -48.44 18.23 10.94
N ASP A 208 -47.16 17.88 10.85
CA ASP A 208 -46.75 16.74 9.99
C ASP A 208 -47.35 15.47 10.63
N GLN A 209 -48.24 14.79 9.92
CA GLN A 209 -48.90 13.58 10.42
C GLN A 209 -48.16 12.33 9.91
N VAL A 210 -47.08 12.47 9.14
CA VAL A 210 -46.44 11.31 8.46
C VAL A 210 -45.13 10.95 9.15
N VAL A 211 -44.33 11.95 9.48
CA VAL A 211 -42.99 11.80 10.12
C VAL A 211 -43.06 12.58 11.42
N ALA A 212 -42.73 11.98 12.56
CA ALA A 212 -42.70 12.64 13.87
C ALA A 212 -41.60 13.71 13.89
N PRO A 213 -41.77 14.76 14.75
CA PRO A 213 -40.93 15.97 14.71
C PRO A 213 -39.53 15.69 15.23
N LYS A 214 -39.45 14.64 16.04
CA LYS A 214 -38.23 14.12 16.65
C LYS A 214 -37.12 13.94 15.60
N TYR A 215 -37.45 13.41 14.42
CA TYR A 215 -36.49 13.13 13.32
C TYR A 215 -35.74 14.40 12.87
N SER A 216 -36.46 15.48 12.61
CA SER A 216 -35.88 16.79 12.23
C SER A 216 -34.97 17.32 13.34
N LYS A 217 -35.40 17.18 14.58
CA LYS A 217 -34.65 17.68 15.76
C LYS A 217 -33.32 16.96 15.88
N LYS A 218 -33.32 15.66 15.63
CA LYS A 218 -32.08 14.84 15.71
C LYS A 218 -31.07 15.33 14.64
N TYR A 219 -31.52 15.61 13.42
CA TYR A 219 -30.65 16.21 12.38
C TYR A 219 -30.05 17.51 12.96
N ASP A 220 -30.88 18.37 13.56
CA ASP A 220 -30.43 19.67 14.15
C ASP A 220 -29.38 19.39 15.24
N GLU A 221 -29.51 18.37 16.08
CA GLU A 221 -28.51 18.12 17.17
C GLU A 221 -27.20 17.51 16.59
N VAL A 222 -27.26 16.80 15.47
CA VAL A 222 -26.08 16.12 14.90
C VAL A 222 -25.28 17.05 13.97
N TYR A 223 -25.90 18.01 13.29
CA TYR A 223 -25.19 18.88 12.32
C TYR A 223 -24.45 20.01 13.05
N GLU A 224 -23.20 20.25 12.66
CA GLU A 224 -22.42 21.37 13.24
C GLU A 224 -23.05 22.72 12.88
N ASN A 225 -23.58 22.90 11.66
CA ASN A 225 -24.05 24.23 11.17
C ASN A 225 -25.46 24.10 10.60
N SER A 226 -26.44 23.91 11.47
CA SER A 226 -27.87 23.66 11.21
C SER A 226 -28.71 24.84 11.66
N GLU A 227 -29.84 25.12 11.01
CA GLU A 227 -30.97 25.88 11.60
C GLU A 227 -32.24 25.09 11.32
N LEU A 228 -33.15 25.08 12.28
CA LEU A 228 -34.42 24.32 12.26
C LEU A 228 -35.57 25.33 12.25
N HIS A 229 -36.44 25.25 11.25
CA HIS A 229 -37.60 26.14 11.04
C HIS A 229 -38.85 25.29 11.14
N MET A 230 -39.60 25.46 12.22
CA MET A 230 -40.90 24.80 12.39
C MET A 230 -41.96 25.71 11.79
N VAL A 231 -42.63 25.27 10.73
CA VAL A 231 -43.67 26.06 10.02
C VAL A 231 -45.00 25.75 10.70
N PRO A 232 -45.64 26.72 11.40
CA PRO A 232 -46.89 26.44 12.12
C PRO A 232 -47.93 25.82 11.20
N ASP A 233 -48.47 24.69 11.61
CA ASP A 233 -49.68 24.06 11.03
C ASP A 233 -49.35 23.37 9.71
N ALA A 234 -48.15 23.45 9.15
CA ALA A 234 -47.87 22.88 7.82
C ALA A 234 -48.07 21.35 7.86
N ASP A 235 -48.56 20.77 6.77
CA ASP A 235 -48.68 19.30 6.59
C ASP A 235 -47.31 18.72 6.17
N HIS A 236 -47.26 17.40 6.09
CA HIS A 236 -46.10 16.60 5.64
C HIS A 236 -45.58 17.08 4.26
N SER A 237 -46.44 17.33 3.29
CA SER A 237 -45.91 17.64 1.92
C SER A 237 -45.92 19.14 1.60
N PHE A 238 -46.13 20.01 2.61
CA PHE A 238 -46.19 21.48 2.42
C PHE A 238 -47.07 21.85 1.22
N THR A 239 -48.36 21.47 1.25
CA THR A 239 -49.34 21.67 0.15
C THR A 239 -50.18 22.93 0.37
N GLY A 240 -50.82 23.38 -0.71
CA GLY A 240 -51.74 24.51 -0.69
C GLY A 240 -51.09 25.68 0.01
N GLN A 241 -51.74 26.26 1.03
CA GLN A 241 -51.28 27.49 1.72
C GLN A 241 -49.86 27.30 2.32
N TYR A 242 -49.41 26.08 2.58
CA TYR A 242 -48.12 25.84 3.29
C TYR A 242 -46.96 25.77 2.28
N LYS A 243 -47.25 25.63 0.99
CA LYS A 243 -46.23 25.56 -0.10
C LYS A 243 -45.34 26.82 -0.04
N ASP A 244 -45.96 28.00 0.08
CA ASP A 244 -45.28 29.31 -0.08
C ASP A 244 -44.26 29.45 1.04
N SER A 245 -44.62 29.03 2.25
CA SER A 245 -43.72 29.18 3.42
C SER A 245 -42.49 28.26 3.30
N ALA A 246 -42.62 27.02 2.82
CA ALA A 246 -41.48 26.11 2.57
C ALA A 246 -40.61 26.70 1.48
N VAL A 247 -41.22 27.25 0.44
CA VAL A 247 -40.48 27.78 -0.73
C VAL A 247 -39.67 29.03 -0.30
N ASP A 248 -40.28 29.93 0.46
CA ASP A 248 -39.63 31.17 0.95
C ASP A 248 -38.42 30.78 1.83
N LEU A 249 -38.54 29.83 2.75
CA LEU A 249 -37.38 29.44 3.60
C LEU A 249 -36.28 28.79 2.73
N THR A 250 -36.65 27.98 1.73
CA THR A 250 -35.68 27.36 0.80
C THR A 250 -34.92 28.44 0.03
N ALA A 251 -35.64 29.32 -0.66
CA ALA A 251 -35.05 30.36 -1.54
C ALA A 251 -34.18 31.30 -0.69
N GLU A 252 -34.68 31.69 0.46
CA GLU A 252 -33.91 32.65 1.30
C GLU A 252 -32.59 32.00 1.79
N PHE A 253 -32.51 30.69 1.98
CA PHE A 253 -31.29 30.00 2.46
C PHE A 253 -30.30 29.86 1.29
N LEU A 254 -30.80 29.63 0.08
CA LEU A 254 -29.92 29.29 -1.07
C LEU A 254 -29.50 30.51 -1.90
N LYS A 255 -30.19 31.62 -1.74
CA LYS A 255 -29.90 32.82 -2.57
C LYS A 255 -28.52 33.40 -2.33
N PRO A 256 -27.88 33.96 -3.36
CA PRO A 256 -26.57 34.60 -3.26
C PRO A 256 -26.51 35.77 -2.27
N GLY B 1 -10.66 -57.89 -13.45
CA GLY B 1 -9.76 -56.81 -13.83
C GLY B 1 -10.48 -55.54 -14.27
N THR B 2 -11.79 -55.51 -14.50
CA THR B 2 -12.34 -54.21 -14.96
C THR B 2 -12.38 -53.18 -13.81
N THR B 3 -12.00 -51.91 -14.03
CA THR B 3 -12.18 -50.78 -13.07
C THR B 3 -12.98 -49.65 -13.73
N GLU B 4 -13.88 -49.04 -12.94
CA GLU B 4 -14.73 -47.87 -13.29
C GLU B 4 -14.57 -46.84 -12.18
N ASN B 5 -14.12 -45.63 -12.52
CA ASN B 5 -13.97 -44.51 -11.55
C ASN B 5 -14.68 -43.27 -12.12
N LEU B 6 -15.88 -43.01 -11.59
CA LEU B 6 -16.70 -41.79 -11.84
C LEU B 6 -15.87 -40.59 -11.38
N TYR B 7 -15.62 -39.60 -12.24
CA TYR B 7 -14.95 -38.34 -11.82
C TYR B 7 -15.79 -37.12 -12.19
N PHE B 8 -16.99 -37.29 -12.72
CA PHE B 8 -17.86 -36.12 -13.01
C PHE B 8 -19.28 -36.60 -13.19
N GLN B 9 -20.16 -35.98 -12.43
CA GLN B 9 -21.62 -36.22 -12.55
C GLN B 9 -22.40 -34.95 -12.25
N GLY B 10 -23.25 -34.51 -13.17
CA GLY B 10 -24.24 -33.44 -12.91
C GLY B 10 -24.63 -32.67 -14.14
N SER B 11 -25.12 -31.44 -13.93
CA SER B 11 -25.56 -30.49 -14.97
C SER B 11 -24.88 -29.15 -14.74
N MET B 12 -24.42 -28.57 -15.82
CA MET B 12 -23.82 -27.22 -15.85
C MET B 12 -24.66 -26.39 -16.81
N SER B 13 -25.14 -25.24 -16.33
CA SER B 13 -25.97 -24.27 -17.10
C SER B 13 -25.30 -22.89 -17.06
N ARG B 14 -25.32 -22.16 -18.19
CA ARG B 14 -24.96 -20.72 -18.22
C ARG B 14 -26.23 -19.94 -17.85
N ILE B 15 -26.14 -19.12 -16.80
CA ILE B 15 -27.31 -18.33 -16.31
C ILE B 15 -27.03 -16.86 -16.62
N THR B 16 -28.08 -16.12 -16.95
CA THR B 16 -28.04 -14.63 -16.91
C THR B 16 -29.26 -14.16 -16.10
N ILE B 17 -29.07 -13.07 -15.37
CA ILE B 17 -30.10 -12.46 -14.48
C ILE B 17 -29.97 -10.96 -14.66
N GLU B 18 -31.03 -10.20 -14.39
CA GLU B 18 -31.01 -8.74 -14.60
C GLU B 18 -30.96 -8.10 -13.24
N ARG B 19 -30.12 -7.08 -13.08
CA ARG B 19 -30.25 -6.18 -11.91
C ARG B 19 -30.22 -4.75 -12.45
N ASP B 20 -31.26 -3.98 -12.15
CA ASP B 20 -31.46 -2.59 -12.67
C ASP B 20 -31.02 -2.49 -14.14
N GLY B 21 -31.53 -3.29 -15.04
CA GLY B 21 -31.07 -3.10 -16.43
C GLY B 21 -29.63 -3.51 -16.72
N LEU B 22 -28.89 -4.13 -15.79
CA LEU B 22 -27.60 -4.82 -16.10
C LEU B 22 -27.86 -6.33 -16.15
N THR B 23 -27.30 -7.01 -17.15
CA THR B 23 -27.17 -8.49 -17.19
C THR B 23 -25.96 -8.97 -16.38
N LEU B 24 -26.22 -9.86 -15.44
CA LEU B 24 -25.16 -10.60 -14.69
C LEU B 24 -25.05 -12.01 -15.27
N VAL B 25 -23.84 -12.49 -15.50
CA VAL B 25 -23.58 -13.81 -16.18
C VAL B 25 -22.93 -14.75 -15.16
N GLY B 26 -23.47 -15.96 -15.06
CA GLY B 26 -23.01 -16.98 -14.11
C GLY B 26 -23.02 -18.39 -14.68
N ASP B 27 -22.35 -19.29 -13.94
CA ASP B 27 -22.33 -20.74 -14.19
C ASP B 27 -22.99 -21.42 -13.00
N ARG B 28 -23.93 -22.29 -13.30
CA ARG B 28 -24.68 -23.10 -12.34
C ARG B 28 -24.18 -24.55 -12.48
N GLU B 29 -23.84 -25.16 -11.36
CA GLU B 29 -23.40 -26.55 -11.29
C GLU B 29 -24.29 -27.27 -10.27
N GLU B 30 -24.85 -28.38 -10.69
CA GLU B 30 -25.70 -29.18 -9.81
C GLU B 30 -25.22 -30.62 -9.88
N PRO B 31 -25.54 -31.42 -8.85
CA PRO B 31 -25.35 -32.84 -8.91
C PRO B 31 -26.64 -33.43 -9.50
N PHE B 32 -26.66 -34.75 -9.65
CA PHE B 32 -27.92 -35.40 -10.07
C PHE B 32 -28.82 -35.43 -8.83
N GLY B 33 -30.10 -35.16 -9.03
CA GLY B 33 -31.08 -35.13 -7.93
C GLY B 33 -32.12 -34.05 -8.15
N GLU B 34 -33.26 -34.19 -7.48
CA GLU B 34 -34.38 -33.24 -7.63
C GLU B 34 -34.31 -32.13 -6.58
N ILE B 35 -33.61 -32.36 -5.48
CA ILE B 35 -33.48 -31.42 -4.32
C ILE B 35 -32.02 -31.41 -3.85
N TYR B 36 -31.42 -30.22 -3.71
CA TYR B 36 -30.03 -30.05 -3.24
C TYR B 36 -29.87 -28.67 -2.56
N ASP B 37 -28.94 -28.60 -1.63
CA ASP B 37 -28.42 -27.32 -1.10
C ASP B 37 -27.67 -26.61 -2.22
N MET B 38 -27.64 -25.29 -2.15
CA MET B 38 -27.08 -24.42 -3.20
C MET B 38 -26.16 -23.38 -2.55
N ALA B 39 -24.92 -23.31 -2.97
CA ALA B 39 -23.94 -22.31 -2.51
C ALA B 39 -23.82 -21.20 -3.55
N ILE B 40 -23.86 -19.94 -3.14
CA ILE B 40 -23.61 -18.81 -4.05
C ILE B 40 -22.14 -18.43 -3.83
N LEU B 41 -21.34 -18.47 -4.89
CA LEU B 41 -19.87 -18.27 -4.80
C LEU B 41 -19.56 -16.89 -5.35
N MET B 42 -18.84 -16.06 -4.60
CA MET B 42 -18.68 -14.63 -4.94
C MET B 42 -17.21 -14.27 -5.03
N HIS B 43 -16.77 -13.81 -6.21
CA HIS B 43 -15.36 -13.52 -6.50
C HIS B 43 -14.99 -12.17 -5.84
N GLY B 44 -13.72 -11.83 -5.90
CA GLY B 44 -13.10 -10.61 -5.37
C GLY B 44 -12.93 -9.47 -6.38
N PHE B 45 -12.43 -8.35 -5.88
CA PHE B 45 -12.08 -7.10 -6.61
C PHE B 45 -11.14 -7.39 -7.79
N THR B 46 -11.56 -7.02 -9.00
CA THR B 46 -10.87 -7.20 -10.31
C THR B 46 -10.79 -8.68 -10.71
N ALA B 47 -11.43 -9.60 -10.02
CA ALA B 47 -11.43 -11.02 -10.41
C ALA B 47 -12.67 -11.31 -11.28
N ASN B 48 -13.04 -12.58 -11.41
CA ASN B 48 -14.25 -13.01 -12.14
C ASN B 48 -14.69 -14.32 -11.53
N ARG B 49 -15.75 -14.90 -12.07
CA ARG B 49 -16.42 -16.06 -11.44
C ARG B 49 -15.64 -17.35 -11.77
N ASN B 50 -14.60 -17.28 -12.61
CA ASN B 50 -13.91 -18.49 -13.11
C ASN B 50 -12.44 -18.51 -12.69
N THR B 51 -12.12 -17.95 -11.52
CA THR B 51 -10.80 -18.14 -10.86
C THR B 51 -10.63 -19.61 -10.51
N PRO B 52 -9.37 -20.08 -10.51
CA PRO B 52 -9.06 -21.45 -10.12
C PRO B 52 -9.77 -21.86 -8.80
N LEU B 53 -9.68 -21.01 -7.78
CA LEU B 53 -10.28 -21.22 -6.43
C LEU B 53 -11.80 -21.54 -6.56
N LEU B 54 -12.55 -20.68 -7.25
CA LEU B 54 -14.04 -20.76 -7.32
C LEU B 54 -14.45 -21.95 -8.19
N ARG B 55 -13.75 -22.24 -9.29
CA ARG B 55 -14.06 -23.44 -10.13
C ARG B 55 -13.83 -24.67 -9.26
N GLN B 56 -12.72 -24.74 -8.55
CA GLN B 56 -12.44 -25.93 -7.71
C GLN B 56 -13.44 -26.01 -6.55
N ILE B 57 -13.90 -24.89 -6.00
CA ILE B 57 -14.95 -24.97 -4.95
C ILE B 57 -16.24 -25.50 -5.57
N ALA B 58 -16.70 -24.95 -6.69
CA ALA B 58 -17.91 -25.47 -7.37
C ALA B 58 -17.74 -26.99 -7.63
N ASP B 59 -16.57 -27.42 -8.10
CA ASP B 59 -16.29 -28.85 -8.44
C ASP B 59 -16.45 -29.74 -7.19
N ASN B 60 -15.82 -29.33 -6.07
CA ASN B 60 -15.77 -30.14 -4.83
C ASN B 60 -17.15 -30.15 -4.16
N LEU B 61 -17.89 -29.04 -4.20
CA LEU B 61 -19.28 -29.03 -3.67
C LEU B 61 -20.15 -29.98 -4.50
N ARG B 62 -20.04 -29.97 -5.84
CA ARG B 62 -20.90 -30.84 -6.68
C ARG B 62 -20.60 -32.32 -6.33
N ASP B 63 -19.34 -32.71 -6.09
CA ASP B 63 -19.00 -34.09 -5.62
C ASP B 63 -19.67 -34.39 -4.29
N GLU B 64 -19.97 -33.41 -3.45
CA GLU B 64 -20.60 -33.62 -2.11
C GLU B 64 -22.10 -33.36 -2.20
N ASN B 65 -22.64 -33.31 -3.42
CA ASN B 65 -24.08 -33.17 -3.71
C ASN B 65 -24.59 -31.79 -3.29
N VAL B 66 -23.73 -30.78 -3.39
CA VAL B 66 -24.11 -29.35 -3.17
C VAL B 66 -24.00 -28.61 -4.50
N ALA B 67 -25.11 -28.05 -4.98
CA ALA B 67 -25.14 -27.21 -6.19
C ALA B 67 -24.44 -25.89 -5.92
N SER B 68 -24.00 -25.19 -6.95
CA SER B 68 -23.42 -23.84 -6.81
C SER B 68 -23.80 -22.96 -8.00
N VAL B 69 -23.87 -21.67 -7.76
CA VAL B 69 -23.88 -20.63 -8.82
C VAL B 69 -22.74 -19.66 -8.52
N ARG B 70 -22.08 -19.19 -9.56
CA ARG B 70 -21.03 -18.16 -9.43
C ARG B 70 -21.28 -17.19 -10.57
N PHE B 71 -21.48 -15.93 -10.23
CA PHE B 71 -21.74 -14.85 -11.18
C PHE B 71 -20.56 -13.90 -11.20
N ASP B 72 -20.33 -13.31 -12.36
CA ASP B 72 -19.50 -12.08 -12.47
C ASP B 72 -20.33 -10.95 -11.90
N PHE B 73 -19.77 -10.24 -10.92
CA PHE B 73 -20.31 -8.94 -10.44
C PHE B 73 -20.33 -7.92 -11.58
N ASN B 74 -21.16 -6.89 -11.43
CA ASN B 74 -21.16 -5.71 -12.33
C ASN B 74 -19.74 -5.20 -12.44
N GLY B 75 -19.37 -4.71 -13.64
CA GLY B 75 -18.04 -4.18 -13.93
C GLY B 75 -16.94 -5.24 -14.06
N HIS B 76 -17.26 -6.53 -14.04
CA HIS B 76 -16.24 -7.62 -14.03
C HIS B 76 -16.66 -8.72 -15.01
N GLY B 77 -15.67 -9.48 -15.45
CA GLY B 77 -15.84 -10.68 -16.29
C GLY B 77 -16.70 -10.36 -17.48
N GLU B 78 -17.78 -11.13 -17.68
CA GLU B 78 -18.69 -10.99 -18.85
C GLU B 78 -19.96 -10.24 -18.48
N SER B 79 -20.18 -9.90 -17.22
CA SER B 79 -21.37 -9.15 -16.72
C SER B 79 -21.40 -7.77 -17.35
N ASP B 80 -22.55 -7.09 -17.37
CA ASP B 80 -22.63 -5.66 -17.78
C ASP B 80 -21.98 -4.72 -16.75
N GLY B 81 -21.68 -3.50 -17.19
CA GLY B 81 -21.43 -2.31 -16.35
C GLY B 81 -19.97 -1.96 -16.38
N ALA B 82 -19.62 -0.69 -16.27
CA ALA B 82 -18.22 -0.26 -16.31
C ALA B 82 -17.62 -0.51 -14.91
N PHE B 83 -16.40 -1.04 -14.88
CA PHE B 83 -15.58 -1.20 -13.67
C PHE B 83 -15.71 0.06 -12.80
N GLU B 84 -15.63 1.24 -13.40
CA GLU B 84 -15.58 2.52 -12.65
C GLU B 84 -16.91 2.80 -11.92
N ASP B 85 -18.00 2.12 -12.24
CA ASP B 85 -19.35 2.29 -11.61
C ASP B 85 -19.60 1.23 -10.54
N MET B 86 -18.67 0.28 -10.42
CA MET B 86 -18.80 -0.78 -9.36
C MET B 86 -18.57 -0.14 -7.98
N THR B 87 -19.45 -0.44 -7.03
CA THR B 87 -19.24 -0.16 -5.58
C THR B 87 -19.54 -1.48 -4.85
N VAL B 88 -19.17 -1.54 -3.57
CA VAL B 88 -19.49 -2.68 -2.68
C VAL B 88 -21.01 -2.76 -2.56
N CYS B 89 -21.65 -1.61 -2.46
CA CYS B 89 -23.12 -1.50 -2.34
C CYS B 89 -23.78 -2.12 -3.56
N ASN B 90 -23.34 -1.83 -4.79
CA ASN B 90 -24.11 -2.36 -5.96
C ASN B 90 -23.74 -3.83 -6.20
N GLU B 91 -22.60 -4.32 -5.71
CA GLU B 91 -22.34 -5.78 -5.66
C GLU B 91 -23.27 -6.45 -4.65
N ILE B 92 -23.58 -5.82 -3.51
CA ILE B 92 -24.58 -6.40 -2.58
C ILE B 92 -25.92 -6.50 -3.31
N ALA B 93 -26.31 -5.48 -4.08
CA ALA B 93 -27.53 -5.49 -4.93
C ALA B 93 -27.42 -6.61 -5.98
N ASP B 94 -26.29 -6.80 -6.63
CA ASP B 94 -26.10 -7.97 -7.54
C ASP B 94 -26.42 -9.27 -6.78
N ALA B 95 -25.78 -9.45 -5.61
CA ALA B 95 -25.87 -10.67 -4.79
C ALA B 95 -27.31 -10.86 -4.33
N GLN B 96 -28.04 -9.80 -4.03
CA GLN B 96 -29.45 -9.96 -3.60
C GLN B 96 -30.31 -10.55 -4.75
N LYS B 97 -30.15 -10.07 -5.99
CA LYS B 97 -30.83 -10.67 -7.17
C LYS B 97 -30.41 -12.12 -7.35
N ILE B 98 -29.15 -12.46 -7.10
CA ILE B 98 -28.74 -13.89 -7.20
C ILE B 98 -29.47 -14.68 -6.12
N LEU B 99 -29.53 -14.14 -4.91
CA LEU B 99 -30.19 -14.83 -3.79
C LEU B 99 -31.66 -15.08 -4.12
N GLU B 100 -32.36 -14.06 -4.63
CA GLU B 100 -33.78 -14.17 -5.08
C GLU B 100 -33.90 -15.29 -6.15
N TYR B 101 -33.03 -15.33 -7.16
CA TYR B 101 -33.06 -16.38 -8.22
C TYR B 101 -32.98 -17.76 -7.54
N VAL B 102 -32.03 -17.91 -6.62
CA VAL B 102 -31.79 -19.22 -5.94
C VAL B 102 -32.97 -19.53 -5.03
N ARG B 103 -33.44 -18.56 -4.26
CA ARG B 103 -34.52 -18.78 -3.25
C ARG B 103 -35.81 -19.16 -3.97
N THR B 104 -35.97 -18.76 -5.22
CA THR B 104 -37.20 -18.98 -6.05
C THR B 104 -37.17 -20.35 -6.74
N ASP B 105 -36.02 -21.03 -6.74
CA ASP B 105 -35.80 -22.29 -7.48
C ASP B 105 -36.45 -23.44 -6.69
N PRO B 106 -37.40 -24.19 -7.29
CA PRO B 106 -38.05 -25.31 -6.59
C PRO B 106 -37.11 -26.46 -6.18
N HIS B 107 -35.91 -26.58 -6.75
CA HIS B 107 -34.93 -27.64 -6.42
C HIS B 107 -34.11 -27.31 -5.16
N VAL B 108 -34.02 -26.05 -4.75
CA VAL B 108 -33.04 -25.59 -3.72
C VAL B 108 -33.61 -25.84 -2.33
N ARG B 109 -32.87 -26.53 -1.48
CA ARG B 109 -33.26 -26.73 -0.06
C ARG B 109 -32.65 -25.54 0.74
N ASN B 110 -31.43 -25.65 1.24
CA ASN B 110 -30.78 -24.60 2.06
C ASN B 110 -29.78 -23.83 1.21
N ILE B 111 -29.56 -22.58 1.58
CA ILE B 111 -28.71 -21.64 0.80
C ILE B 111 -27.50 -21.29 1.64
N PHE B 112 -26.33 -21.39 1.03
CA PHE B 112 -25.02 -21.09 1.62
C PHE B 112 -24.41 -19.94 0.82
N LEU B 113 -23.63 -19.07 1.45
CA LEU B 113 -22.81 -18.05 0.73
C LEU B 113 -21.36 -18.39 0.93
N VAL B 114 -20.58 -18.24 -0.12
CA VAL B 114 -19.10 -18.38 -0.13
C VAL B 114 -18.54 -17.16 -0.82
N GLY B 115 -17.70 -16.42 -0.12
CA GLY B 115 -17.14 -15.17 -0.68
C GLY B 115 -15.68 -15.06 -0.41
N HIS B 116 -14.92 -14.83 -1.47
CA HIS B 116 -13.48 -14.55 -1.38
C HIS B 116 -13.25 -13.05 -1.42
N ALA B 117 -12.52 -12.58 -0.42
CA ALA B 117 -11.92 -11.24 -0.36
C ALA B 117 -13.06 -10.20 -0.38
N GLN B 118 -13.08 -9.26 -1.33
CA GLN B 118 -14.21 -8.30 -1.46
C GLN B 118 -15.51 -9.09 -1.57
N GLY B 119 -15.49 -10.25 -2.24
CA GLY B 119 -16.66 -11.15 -2.27
C GLY B 119 -17.09 -11.60 -0.88
N GLY B 120 -16.11 -11.79 0.01
CA GLY B 120 -16.37 -12.10 1.43
C GLY B 120 -17.06 -10.94 2.13
N VAL B 121 -16.66 -9.71 1.85
CA VAL B 121 -17.33 -8.54 2.42
C VAL B 121 -18.80 -8.55 1.97
N VAL B 122 -19.00 -8.75 0.68
CA VAL B 122 -20.35 -8.79 0.06
C VAL B 122 -21.19 -9.90 0.71
N ALA B 123 -20.61 -11.10 0.82
CA ALA B 123 -21.34 -12.25 1.39
C ALA B 123 -21.76 -11.89 2.82
N SER B 124 -20.85 -11.31 3.61
CA SER B 124 -21.07 -11.05 5.07
C SER B 124 -22.21 -10.02 5.22
N MET B 125 -22.25 -8.99 4.36
CA MET B 125 -23.30 -7.95 4.37
C MET B 125 -24.64 -8.55 3.93
N LEU B 126 -24.64 -9.36 2.87
CA LEU B 126 -25.91 -10.02 2.41
C LEU B 126 -26.48 -10.94 3.51
N ALA B 127 -25.63 -11.68 4.20
CA ALA B 127 -26.04 -12.65 5.24
C ALA B 127 -26.66 -11.86 6.41
N GLY B 128 -26.11 -10.69 6.70
CA GLY B 128 -26.64 -9.77 7.72
C GLY B 128 -28.01 -9.22 7.36
N LEU B 129 -28.28 -9.04 6.07
CA LEU B 129 -29.58 -8.50 5.58
C LEU B 129 -30.60 -9.65 5.44
N TYR B 130 -30.12 -10.90 5.29
CA TYR B 130 -30.95 -12.12 5.09
C TYR B 130 -30.52 -13.23 6.06
N PRO B 131 -30.49 -12.92 7.38
CA PRO B 131 -30.07 -13.90 8.36
C PRO B 131 -31.17 -14.98 8.53
N ASP B 132 -32.39 -14.71 8.09
CA ASP B 132 -33.55 -15.64 8.18
C ASP B 132 -33.47 -16.64 7.01
N ILE B 133 -32.65 -16.40 5.99
CA ILE B 133 -32.63 -17.16 4.70
C ILE B 133 -31.31 -17.96 4.60
N VAL B 134 -30.16 -17.33 4.81
CA VAL B 134 -28.79 -17.92 4.69
C VAL B 134 -28.61 -18.95 5.80
N LYS B 135 -28.24 -20.19 5.49
CA LYS B 135 -28.09 -21.27 6.50
C LYS B 135 -26.63 -21.44 6.89
N LYS B 136 -25.68 -21.19 6.00
CA LYS B 136 -24.24 -21.25 6.31
C LYS B 136 -23.51 -20.20 5.50
N VAL B 137 -22.38 -19.73 6.01
CA VAL B 137 -21.49 -18.77 5.29
C VAL B 137 -20.04 -19.25 5.42
N VAL B 138 -19.27 -19.16 4.34
CA VAL B 138 -17.80 -19.31 4.33
C VAL B 138 -17.22 -18.02 3.78
N LEU B 139 -16.34 -17.38 4.56
CA LEU B 139 -15.58 -16.17 4.16
C LEU B 139 -14.13 -16.62 3.96
N LEU B 140 -13.57 -16.29 2.80
CA LEU B 140 -12.17 -16.58 2.44
C LEU B 140 -11.43 -15.25 2.29
N ALA B 141 -10.55 -14.95 3.22
CA ALA B 141 -9.73 -13.72 3.31
C ALA B 141 -10.62 -12.49 3.13
N PRO B 142 -11.72 -12.35 3.90
CA PRO B 142 -12.70 -11.28 3.62
C PRO B 142 -12.06 -9.89 3.74
N ALA B 143 -12.27 -9.04 2.73
CA ALA B 143 -11.43 -7.84 2.53
C ALA B 143 -12.02 -6.64 3.24
N ALA B 144 -12.38 -6.77 4.52
CA ALA B 144 -12.97 -5.65 5.29
C ALA B 144 -11.98 -4.47 5.37
N GLN B 145 -10.69 -4.71 5.14
CA GLN B 145 -9.63 -3.66 5.05
C GLN B 145 -9.98 -2.58 4.02
N LEU B 146 -10.77 -2.88 2.97
CA LEU B 146 -11.04 -1.85 1.91
C LEU B 146 -11.62 -0.58 2.56
N LYS B 147 -12.33 -0.71 3.68
CA LYS B 147 -12.89 0.47 4.38
C LYS B 147 -11.75 1.30 4.98
N ASP B 148 -10.90 0.67 5.79
CA ASP B 148 -9.76 1.36 6.48
C ASP B 148 -8.84 1.98 5.41
N ASP B 149 -8.59 1.31 4.28
CA ASP B 149 -7.70 1.88 3.25
C ASP B 149 -8.33 3.17 2.67
N ALA B 150 -9.64 3.13 2.40
CA ALA B 150 -10.40 4.25 1.81
C ALA B 150 -10.29 5.43 2.77
N LEU B 151 -10.41 5.17 4.07
CA LEU B 151 -10.35 6.23 5.11
C LEU B 151 -8.92 6.78 5.19
N ASN B 152 -7.91 5.98 4.87
CA ASN B 152 -6.46 6.31 4.92
C ASN B 152 -6.05 7.05 3.64
N GLY B 153 -6.75 6.83 2.54
CA GLY B 153 -6.31 7.42 1.26
C GLY B 153 -5.23 6.61 0.56
N ASP B 154 -5.22 5.29 0.73
CA ASP B 154 -4.21 4.42 0.08
C ASP B 154 -4.86 3.07 -0.17
N THR B 155 -5.22 2.84 -1.41
CA THR B 155 -5.88 1.61 -1.86
C THR B 155 -4.88 0.82 -2.72
N GLN B 156 -4.17 -0.12 -2.10
CA GLN B 156 -3.16 -0.97 -2.78
C GLN B 156 -2.20 -0.09 -3.61
N GLY B 157 -1.67 0.97 -3.05
CA GLY B 157 -0.76 1.84 -3.83
C GLY B 157 -1.42 3.03 -4.49
N ALA B 158 -2.72 3.00 -4.76
CA ALA B 158 -3.39 4.18 -5.35
C ALA B 158 -3.71 5.16 -4.21
N THR B 159 -3.19 6.39 -4.29
CA THR B 159 -3.25 7.33 -3.15
C THR B 159 -4.08 8.51 -3.59
N TYR B 160 -4.73 9.16 -2.64
CA TYR B 160 -5.69 10.26 -2.87
C TYR B 160 -5.97 10.87 -1.51
N ASN B 161 -6.45 12.11 -1.52
CA ASN B 161 -6.96 12.78 -0.33
C ASN B 161 -8.29 12.14 0.06
N PRO B 162 -8.41 11.50 1.26
CA PRO B 162 -9.62 10.81 1.66
C PRO B 162 -10.84 11.74 1.91
N GLU B 163 -10.60 13.03 2.08
CA GLU B 163 -11.67 14.05 2.28
C GLU B 163 -11.96 14.78 0.96
N HIS B 164 -11.21 14.55 -0.13
CA HIS B 164 -11.51 15.16 -1.45
C HIS B 164 -11.21 14.12 -2.52
N ILE B 165 -11.97 13.03 -2.52
CA ILE B 165 -11.74 11.92 -3.48
C ILE B 165 -12.11 12.37 -4.88
N PRO B 166 -11.22 12.18 -5.89
CA PRO B 166 -11.55 12.51 -7.28
C PRO B 166 -12.69 11.65 -7.81
N ALA B 167 -13.23 12.08 -8.93
CA ALA B 167 -14.31 11.41 -9.67
C ALA B 167 -13.91 9.94 -9.94
N ALA B 168 -12.64 9.70 -10.25
CA ALA B 168 -12.13 8.33 -10.54
C ALA B 168 -10.62 8.39 -10.34
N ILE B 169 -9.99 7.28 -9.94
CA ILE B 169 -8.52 7.24 -9.78
C ILE B 169 -8.01 6.10 -10.67
N PRO B 170 -6.84 6.33 -11.34
CA PRO B 170 -6.17 5.27 -12.07
C PRO B 170 -5.89 4.10 -11.11
N PHE B 171 -6.12 2.89 -11.57
CA PHE B 171 -5.94 1.70 -10.71
C PHE B 171 -5.49 0.50 -11.54
N HIS B 172 -4.19 0.21 -11.58
CA HIS B 172 -3.61 -0.93 -12.34
C HIS B 172 -4.20 -0.94 -13.76
N GLY B 173 -4.16 0.19 -14.46
CA GLY B 173 -4.62 0.32 -15.85
C GLY B 173 -6.13 0.43 -15.99
N LYS B 174 -6.89 0.34 -14.90
CA LYS B 174 -8.36 0.54 -14.95
C LYS B 174 -8.72 1.85 -14.23
N LYS B 175 -9.99 2.21 -14.19
CA LYS B 175 -10.39 3.40 -13.42
C LYS B 175 -11.41 2.97 -12.34
N LEU B 176 -10.96 3.22 -11.12
CA LEU B 176 -11.73 2.96 -9.89
C LEU B 176 -12.56 4.23 -9.57
N GLY B 177 -13.87 4.05 -9.37
CA GLY B 177 -14.83 5.13 -9.11
C GLY B 177 -14.57 5.82 -7.79
N GLY B 178 -14.62 7.16 -7.76
CA GLY B 178 -14.67 7.90 -6.49
C GLY B 178 -15.79 7.38 -5.59
N PHE B 179 -16.95 7.07 -6.15
CA PHE B 179 -18.12 6.62 -5.38
C PHE B 179 -17.80 5.30 -4.68
N TYR B 180 -16.91 4.48 -5.27
CA TYR B 180 -16.50 3.19 -4.64
C TYR B 180 -15.83 3.55 -3.31
N LEU B 181 -14.93 4.52 -3.38
CA LEU B 181 -14.08 4.89 -2.22
C LEU B 181 -14.93 5.62 -1.18
N ARG B 182 -15.78 6.57 -1.57
CA ARG B 182 -16.64 7.33 -0.60
C ARG B 182 -17.62 6.36 0.08
N THR B 183 -18.23 5.44 -0.64
CA THR B 183 -19.12 4.46 0.05
C THR B 183 -18.29 3.44 0.87
N ALA B 184 -17.09 3.06 0.42
CA ALA B 184 -16.20 2.15 1.21
C ALA B 184 -15.96 2.75 2.59
N GLN B 185 -15.79 4.08 2.65
CA GLN B 185 -15.40 4.78 3.91
C GLN B 185 -16.49 4.68 4.97
N VAL B 186 -17.77 4.48 4.62
CA VAL B 186 -18.89 4.55 5.61
C VAL B 186 -19.62 3.19 5.67
N LEU B 187 -19.11 2.15 5.04
CA LEU B 187 -19.75 0.80 5.01
C LEU B 187 -19.82 0.23 6.43
N PRO B 188 -21.03 -0.10 6.98
CA PRO B 188 -21.14 -0.67 8.32
C PRO B 188 -20.90 -2.20 8.25
N ILE B 189 -19.68 -2.60 7.90
CA ILE B 189 -19.37 -4.01 7.50
C ILE B 189 -19.70 -4.93 8.67
N TYR B 190 -19.07 -4.69 9.82
CA TYR B 190 -19.18 -5.55 11.02
C TYR B 190 -20.57 -5.36 11.65
N GLU B 191 -21.08 -4.13 11.64
CA GLU B 191 -22.39 -3.84 12.27
C GLU B 191 -23.46 -4.62 11.51
N ILE B 192 -23.40 -4.70 10.19
CA ILE B 192 -24.45 -5.45 9.44
C ILE B 192 -24.15 -6.96 9.56
N ALA B 193 -22.88 -7.38 9.42
CA ALA B 193 -22.55 -8.83 9.35
C ALA B 193 -22.98 -9.54 10.64
N LYS B 194 -22.95 -8.86 11.77
CA LYS B 194 -23.23 -9.29 13.15
C LYS B 194 -24.64 -9.88 13.22
N HIS B 195 -25.57 -9.42 12.39
CA HIS B 195 -27.00 -9.81 12.54
C HIS B 195 -27.15 -11.27 12.10
N TYR B 196 -26.13 -11.82 11.42
CA TYR B 196 -26.12 -13.23 10.99
C TYR B 196 -25.62 -14.09 12.15
N THR B 197 -26.49 -14.94 12.70
CA THR B 197 -26.18 -15.78 13.88
C THR B 197 -26.14 -17.27 13.51
N ASN B 198 -26.31 -17.64 12.25
CA ASN B 198 -26.16 -19.06 11.82
C ASN B 198 -24.66 -19.36 11.64
N PRO B 199 -24.25 -20.64 11.41
CA PRO B 199 -22.83 -20.99 11.31
C PRO B 199 -22.02 -20.28 10.21
N VAL B 200 -20.81 -19.87 10.55
CA VAL B 200 -19.85 -19.20 9.64
C VAL B 200 -18.48 -19.87 9.81
N SER B 201 -17.78 -20.10 8.72
CA SER B 201 -16.37 -20.54 8.74
C SER B 201 -15.56 -19.47 8.02
N ILE B 202 -14.50 -19.00 8.67
CA ILE B 202 -13.60 -17.95 8.16
C ILE B 202 -12.24 -18.59 7.90
N ILE B 203 -11.81 -18.52 6.65
CA ILE B 203 -10.58 -19.19 6.16
C ILE B 203 -9.65 -18.07 5.69
N VAL B 204 -8.48 -17.94 6.30
CA VAL B 204 -7.48 -16.86 6.14
C VAL B 204 -6.07 -17.43 5.99
N GLY B 205 -5.24 -16.93 5.07
CA GLY B 205 -3.81 -17.27 4.96
C GLY B 205 -3.01 -16.43 5.92
N SER B 206 -2.11 -17.05 6.72
CA SER B 206 -1.28 -16.36 7.75
C SER B 206 -0.33 -15.39 7.03
N ASN B 207 -0.12 -15.59 5.73
CA ASN B 207 0.81 -14.68 5.04
C ASN B 207 0.08 -13.80 4.00
N ASP B 208 -1.22 -13.59 4.21
CA ASP B 208 -1.98 -12.66 3.33
C ASP B 208 -1.24 -11.31 3.33
N GLN B 209 -0.82 -10.82 2.18
CA GLN B 209 -0.08 -9.52 2.07
C GLN B 209 -0.96 -8.46 1.40
N VAL B 210 -2.23 -8.76 1.21
CA VAL B 210 -3.20 -7.85 0.53
C VAL B 210 -4.20 -7.37 1.61
N VAL B 211 -4.71 -8.28 2.43
CA VAL B 211 -5.63 -7.99 3.56
C VAL B 211 -5.00 -8.55 4.83
N ALA B 212 -4.79 -7.73 5.85
CA ALA B 212 -4.28 -8.16 7.16
C ALA B 212 -5.22 -9.21 7.75
N PRO B 213 -4.70 -10.40 8.15
CA PRO B 213 -5.54 -11.45 8.71
C PRO B 213 -6.34 -11.00 9.95
N LYS B 214 -5.91 -9.91 10.60
CA LYS B 214 -6.64 -9.25 11.73
C LYS B 214 -8.12 -9.00 11.34
N TYR B 215 -8.43 -8.67 10.08
CA TYR B 215 -9.83 -8.42 9.62
C TYR B 215 -10.68 -9.70 9.71
N SER B 216 -10.09 -10.86 9.39
CA SER B 216 -10.74 -12.19 9.58
C SER B 216 -10.93 -12.49 11.07
N LYS B 217 -9.95 -12.21 11.90
CA LYS B 217 -10.09 -12.39 13.37
C LYS B 217 -11.24 -11.53 13.89
N LYS B 218 -11.38 -10.31 13.39
CA LYS B 218 -12.46 -9.39 13.82
C LYS B 218 -13.83 -10.02 13.49
N TYR B 219 -13.99 -10.59 12.29
CA TYR B 219 -15.25 -11.32 11.95
C TYR B 219 -15.49 -12.42 13.00
N ASP B 220 -14.47 -13.21 13.30
CA ASP B 220 -14.62 -14.33 14.27
C ASP B 220 -15.12 -13.76 15.61
N GLU B 221 -14.61 -12.64 16.05
CA GLU B 221 -15.05 -12.04 17.34
C GLU B 221 -16.48 -11.53 17.27
N VAL B 222 -16.88 -11.01 16.12
CA VAL B 222 -18.22 -10.37 15.98
C VAL B 222 -19.30 -11.46 15.86
N TYR B 223 -19.04 -12.60 15.22
CA TYR B 223 -20.10 -13.58 14.92
C TYR B 223 -20.44 -14.41 16.14
N GLU B 224 -21.72 -14.72 16.32
CA GLU B 224 -22.22 -15.66 17.36
C GLU B 224 -21.56 -17.04 17.20
N ASN B 225 -21.64 -17.60 16.00
CA ASN B 225 -21.41 -19.04 15.73
C ASN B 225 -20.43 -19.15 14.55
N SER B 226 -19.17 -18.85 14.82
CA SER B 226 -18.04 -18.76 13.87
C SER B 226 -16.97 -19.79 14.23
N GLU B 227 -16.21 -20.25 13.25
CA GLU B 227 -14.90 -20.90 13.44
C GLU B 227 -13.94 -20.15 12.52
N LEU B 228 -12.70 -20.04 12.96
CA LEU B 228 -11.57 -19.40 12.26
C LEU B 228 -10.54 -20.48 11.93
N HIS B 229 -10.10 -20.50 10.70
CA HIS B 229 -9.13 -21.47 10.15
C HIS B 229 -8.02 -20.66 9.52
N MET B 230 -6.94 -20.45 10.27
CA MET B 230 -5.77 -19.76 9.67
C MET B 230 -4.85 -20.83 9.07
N VAL B 231 -4.69 -20.68 7.75
CA VAL B 231 -3.93 -21.62 6.89
C VAL B 231 -2.48 -21.17 6.91
N PRO B 232 -1.57 -21.94 7.55
CA PRO B 232 -0.16 -21.53 7.68
C PRO B 232 0.43 -21.26 6.30
N ASP B 233 1.10 -20.12 6.15
CA ASP B 233 1.90 -19.71 4.95
C ASP B 233 1.05 -19.25 3.76
N ALA B 234 -0.27 -19.48 3.73
CA ALA B 234 -1.11 -19.23 2.54
C ALA B 234 -1.17 -17.73 2.23
N ASP B 235 -1.33 -17.41 0.95
CA ASP B 235 -1.34 -16.02 0.40
C ASP B 235 -2.80 -15.58 0.25
N HIS B 236 -3.01 -14.37 -0.23
CA HIS B 236 -4.35 -13.74 -0.35
C HIS B 236 -5.25 -14.59 -1.25
N SER B 237 -4.73 -15.06 -2.38
CA SER B 237 -5.51 -15.70 -3.45
C SER B 237 -5.71 -17.20 -3.23
N PHE B 238 -5.00 -17.79 -2.26
CA PHE B 238 -4.98 -19.24 -2.00
C PHE B 238 -4.46 -19.95 -3.26
N THR B 239 -3.30 -19.52 -3.74
CA THR B 239 -2.69 -20.08 -4.99
C THR B 239 -1.95 -21.39 -4.69
N GLY B 240 -1.81 -22.24 -5.73
CA GLY B 240 -1.02 -23.47 -5.69
C GLY B 240 -1.57 -24.44 -4.67
N GLN B 241 -0.70 -24.96 -3.81
CA GLN B 241 -0.99 -25.90 -2.68
C GLN B 241 -2.10 -25.33 -1.78
N TYR B 242 -2.13 -24.01 -1.60
CA TYR B 242 -2.97 -23.37 -0.56
C TYR B 242 -4.42 -23.46 -1.01
N LYS B 243 -4.67 -23.56 -2.31
CA LYS B 243 -6.01 -23.70 -2.91
C LYS B 243 -6.70 -24.95 -2.36
N ASP B 244 -6.04 -26.12 -2.37
CA ASP B 244 -6.63 -27.39 -1.88
C ASP B 244 -7.05 -27.28 -0.41
N SER B 245 -6.25 -26.61 0.44
CA SER B 245 -6.61 -26.42 1.87
C SER B 245 -7.88 -25.57 1.94
N ALA B 246 -7.98 -24.48 1.19
CA ALA B 246 -9.12 -23.54 1.19
C ALA B 246 -10.37 -24.29 0.71
N VAL B 247 -10.22 -25.05 -0.37
CA VAL B 247 -11.32 -25.84 -0.99
C VAL B 247 -11.83 -26.87 0.02
N ASP B 248 -10.90 -27.55 0.69
CA ASP B 248 -11.20 -28.73 1.56
C ASP B 248 -11.99 -28.23 2.78
N LEU B 249 -11.55 -27.14 3.42
CA LEU B 249 -12.27 -26.46 4.54
C LEU B 249 -13.64 -25.96 4.07
N THR B 250 -13.76 -25.42 2.87
CA THR B 250 -15.07 -24.96 2.36
C THR B 250 -15.99 -26.18 2.24
N ALA B 251 -15.58 -27.21 1.49
CA ALA B 251 -16.42 -28.40 1.23
C ALA B 251 -16.79 -29.09 2.56
N GLU B 252 -15.86 -29.15 3.51
CA GLU B 252 -16.09 -29.84 4.82
C GLU B 252 -17.18 -29.11 5.59
N PHE B 253 -17.18 -27.77 5.55
CA PHE B 253 -18.12 -26.95 6.35
C PHE B 253 -19.53 -27.05 5.77
N LEU B 254 -19.67 -27.04 4.45
CA LEU B 254 -20.98 -26.99 3.77
C LEU B 254 -21.59 -28.39 3.55
N LYS B 255 -20.79 -29.44 3.56
CA LYS B 255 -21.32 -30.78 3.23
C LYS B 255 -22.40 -31.27 4.19
N PRO B 256 -23.37 -32.00 3.63
CA PRO B 256 -24.48 -32.61 4.36
C PRO B 256 -24.07 -33.64 5.41
N GLY C 1 15.95 -2.42 -57.94
CA GLY C 1 14.88 -2.30 -56.91
C GLY C 1 15.10 -3.23 -55.71
N THR C 2 16.32 -3.75 -55.55
CA THR C 2 16.81 -4.39 -54.30
C THR C 2 16.70 -3.45 -53.09
N THR C 3 16.22 -3.92 -51.92
CA THR C 3 16.33 -3.21 -50.61
C THR C 3 17.20 -4.00 -49.60
N GLU C 4 17.86 -3.25 -48.71
CA GLU C 4 18.75 -3.76 -47.63
C GLU C 4 18.45 -2.95 -46.37
N ASN C 5 17.97 -3.59 -45.29
CA ASN C 5 17.63 -2.94 -43.99
C ASN C 5 18.27 -3.70 -42.83
N LEU C 6 19.40 -3.17 -42.36
CA LEU C 6 20.18 -3.61 -41.17
C LEU C 6 19.30 -3.42 -39.95
N TYR C 7 19.03 -4.48 -39.18
CA TYR C 7 18.25 -4.39 -37.91
C TYR C 7 19.06 -4.88 -36.71
N PHE C 8 20.33 -5.23 -36.89
CA PHE C 8 21.19 -5.70 -35.79
C PHE C 8 22.64 -5.78 -36.23
N GLN C 9 23.47 -5.23 -35.37
CA GLN C 9 24.93 -5.16 -35.54
C GLN C 9 25.56 -5.05 -34.16
N GLY C 10 26.53 -5.91 -33.86
CA GLY C 10 27.28 -5.83 -32.60
C GLY C 10 27.76 -7.18 -32.12
N SER C 11 28.22 -7.19 -30.89
CA SER C 11 28.75 -8.37 -30.15
C SER C 11 27.96 -8.47 -28.85
N MET C 12 27.61 -9.68 -28.45
CA MET C 12 26.89 -9.96 -27.19
C MET C 12 27.68 -11.05 -26.47
N SER C 13 28.04 -10.79 -25.21
CA SER C 13 28.89 -11.66 -24.37
C SER C 13 28.18 -11.93 -23.03
N ARG C 14 28.33 -13.13 -22.52
CA ARG C 14 27.88 -13.46 -21.16
C ARG C 14 29.08 -13.18 -20.24
N ILE C 15 28.91 -12.35 -19.21
CA ILE C 15 30.01 -11.92 -18.30
C ILE C 15 29.69 -12.44 -16.92
N THR C 16 30.71 -12.91 -16.20
CA THR C 16 30.61 -13.17 -14.75
C THR C 16 31.72 -12.37 -14.07
N ILE C 17 31.41 -11.84 -12.89
CA ILE C 17 32.33 -10.99 -12.09
C ILE C 17 32.19 -11.44 -10.64
N GLU C 18 33.19 -11.22 -9.81
CA GLU C 18 33.20 -11.67 -8.39
C GLU C 18 33.05 -10.45 -7.49
N ARG C 19 32.19 -10.55 -6.49
CA ARG C 19 32.15 -9.59 -5.37
C ARG C 19 32.11 -10.40 -4.09
N ASP C 20 33.16 -10.31 -3.26
CA ASP C 20 33.30 -11.00 -1.95
C ASP C 20 32.87 -12.48 -2.02
N GLY C 21 33.33 -13.24 -2.98
CA GLY C 21 32.94 -14.68 -2.97
C GLY C 21 31.62 -14.94 -3.69
N LEU C 22 30.95 -13.95 -4.27
CA LEU C 22 29.69 -14.16 -5.03
C LEU C 22 29.99 -13.96 -6.51
N THR C 23 29.47 -14.85 -7.36
CA THR C 23 29.44 -14.64 -8.83
C THR C 23 28.23 -13.78 -9.20
N LEU C 24 28.46 -12.65 -9.88
CA LEU C 24 27.41 -11.81 -10.51
C LEU C 24 27.41 -12.18 -11.99
N VAL C 25 26.23 -12.43 -12.55
CA VAL C 25 26.05 -12.84 -13.98
C VAL C 25 25.41 -11.66 -14.74
N GLY C 26 25.97 -11.33 -15.90
CA GLY C 26 25.57 -10.18 -16.71
C GLY C 26 25.62 -10.48 -18.21
N ASP C 27 24.98 -9.63 -19.00
CA ASP C 27 25.02 -9.62 -20.49
C ASP C 27 25.65 -8.30 -20.95
N ARG C 28 26.64 -8.39 -21.83
CA ARG C 28 27.34 -7.18 -22.35
C ARG C 28 27.02 -7.00 -23.85
N GLU C 29 26.48 -5.84 -24.22
CA GLU C 29 26.13 -5.55 -25.63
C GLU C 29 26.91 -4.32 -26.11
N GLU C 30 27.79 -4.49 -27.09
CA GLU C 30 28.61 -3.38 -27.64
C GLU C 30 28.53 -3.38 -29.16
N PRO C 31 28.48 -2.20 -29.83
CA PRO C 31 28.40 -2.12 -31.29
C PRO C 31 29.78 -2.27 -31.94
N PHE C 32 29.83 -2.35 -33.27
CA PHE C 32 31.10 -2.50 -34.01
C PHE C 32 31.94 -1.22 -33.84
N GLY C 33 33.13 -1.36 -33.24
CA GLY C 33 34.03 -0.23 -33.02
C GLY C 33 35.03 -0.58 -31.95
N GLU C 34 36.16 0.07 -31.99
CA GLU C 34 37.24 -0.19 -31.01
C GLU C 34 36.96 0.58 -29.72
N ILE C 35 36.22 1.69 -29.80
CA ILE C 35 35.89 2.50 -28.59
C ILE C 35 34.42 2.91 -28.58
N TYR C 36 33.79 2.89 -27.41
CA TYR C 36 32.36 3.23 -27.25
C TYR C 36 32.12 3.64 -25.80
N ASP C 37 31.14 4.51 -25.61
CA ASP C 37 30.54 4.79 -24.29
C ASP C 37 29.87 3.49 -23.81
N MET C 38 29.64 3.41 -22.52
CA MET C 38 29.12 2.19 -21.91
C MET C 38 28.14 2.59 -20.80
N ALA C 39 26.90 2.09 -20.90
CA ALA C 39 25.85 2.21 -19.86
C ALA C 39 25.85 0.95 -19.01
N ILE C 40 25.89 1.11 -17.71
CA ILE C 40 25.53 0.04 -16.73
C ILE C 40 24.02 0.11 -16.42
N LEU C 41 23.29 -0.98 -16.72
CA LEU C 41 21.83 -1.04 -16.52
C LEU C 41 21.53 -1.90 -15.28
N MET C 42 20.74 -1.34 -14.36
CA MET C 42 20.47 -1.96 -13.04
C MET C 42 18.96 -2.13 -12.87
N HIS C 43 18.57 -3.40 -12.65
CA HIS C 43 17.18 -3.83 -12.45
C HIS C 43 16.72 -3.52 -11.01
N GLY C 44 15.43 -3.70 -10.75
CA GLY C 44 14.82 -3.38 -9.46
C GLY C 44 14.63 -4.60 -8.56
N PHE C 45 14.09 -4.36 -7.39
CA PHE C 45 13.68 -5.32 -6.33
C PHE C 45 12.84 -6.46 -6.93
N THR C 46 13.32 -7.67 -6.69
CA THR C 46 12.71 -8.95 -7.12
C THR C 46 12.73 -9.11 -8.64
N ALA C 47 13.32 -8.18 -9.38
CA ALA C 47 13.45 -8.28 -10.85
C ALA C 47 14.74 -9.02 -11.25
N ASN C 48 15.15 -8.90 -12.52
CA ASN C 48 16.42 -9.47 -13.03
C ASN C 48 16.88 -8.63 -14.21
N ARG C 49 18.04 -8.95 -14.78
CA ARG C 49 18.73 -8.12 -15.79
C ARG C 49 18.03 -8.25 -17.15
N ASN C 50 17.08 -9.19 -17.28
CA ASN C 50 16.47 -9.51 -18.59
C ASN C 50 14.97 -9.18 -18.61
N THR C 51 14.53 -8.16 -17.87
CA THR C 51 13.17 -7.58 -18.05
C THR C 51 13.08 -7.02 -19.46
N PRO C 52 11.86 -6.98 -20.03
CA PRO C 52 11.63 -6.32 -21.32
C PRO C 52 12.22 -4.92 -21.42
N LEU C 53 12.03 -4.11 -20.39
CA LEU C 53 12.55 -2.72 -20.30
C LEU C 53 14.08 -2.67 -20.50
N LEU C 54 14.84 -3.46 -19.75
CA LEU C 54 16.35 -3.40 -19.76
C LEU C 54 16.85 -4.00 -21.08
N ARG C 55 16.29 -5.12 -21.57
CA ARG C 55 16.62 -5.70 -22.91
C ARG C 55 16.44 -4.63 -23.99
N GLN C 56 15.29 -3.95 -23.96
CA GLN C 56 15.01 -2.95 -25.02
C GLN C 56 15.92 -1.75 -24.83
N ILE C 57 16.27 -1.32 -23.61
CA ILE C 57 17.25 -0.20 -23.44
C ILE C 57 18.60 -0.60 -24.06
N ALA C 58 19.13 -1.78 -23.75
CA ALA C 58 20.41 -2.28 -24.30
C ALA C 58 20.37 -2.28 -25.84
N ASP C 59 19.29 -2.83 -26.41
CA ASP C 59 19.04 -2.89 -27.88
C ASP C 59 19.09 -1.48 -28.49
N ASN C 60 18.31 -0.49 -28.00
CA ASN C 60 18.27 0.86 -28.61
C ASN C 60 19.60 1.59 -28.36
N LEU C 61 20.22 1.38 -27.20
CA LEU C 61 21.55 1.99 -26.92
C LEU C 61 22.55 1.44 -27.94
N ARG C 62 22.59 0.12 -28.16
CA ARG C 62 23.52 -0.48 -29.17
C ARG C 62 23.26 0.11 -30.58
N ASP C 63 22.01 0.31 -31.00
CA ASP C 63 21.65 0.92 -32.32
C ASP C 63 22.19 2.36 -32.38
N GLU C 64 22.44 3.00 -31.23
CA GLU C 64 22.96 4.40 -31.15
C GLU C 64 24.45 4.39 -30.83
N ASN C 65 25.11 3.23 -30.96
CA ASN C 65 26.57 3.05 -30.80
C ASN C 65 26.96 3.23 -29.33
N VAL C 66 26.08 2.86 -28.40
CA VAL C 66 26.42 2.86 -26.95
C VAL C 66 26.35 1.43 -26.44
N ALA C 67 27.44 0.94 -25.88
CA ALA C 67 27.51 -0.40 -25.28
C ALA C 67 26.69 -0.43 -23.97
N SER C 68 26.34 -1.60 -23.49
CA SER C 68 25.71 -1.76 -22.15
C SER C 68 26.17 -3.06 -21.50
N VAL C 69 26.12 -3.06 -20.18
CA VAL C 69 26.19 -4.30 -19.38
C VAL C 69 24.97 -4.25 -18.46
N ARG C 70 24.38 -5.40 -18.20
CA ARG C 70 23.26 -5.53 -17.25
C ARG C 70 23.49 -6.83 -16.50
N PHE C 71 23.61 -6.71 -15.18
CA PHE C 71 23.93 -7.82 -14.28
C PHE C 71 22.74 -8.10 -13.38
N ASP C 72 22.67 -9.34 -12.90
CA ASP C 72 21.76 -9.75 -11.81
C ASP C 72 22.42 -9.35 -10.49
N PHE C 73 21.74 -8.53 -9.70
CA PHE C 73 22.17 -8.27 -8.31
C PHE C 73 22.21 -9.57 -7.52
N ASN C 74 23.02 -9.58 -6.46
CA ASN C 74 23.04 -10.69 -5.49
C ASN C 74 21.59 -10.95 -5.08
N GLY C 75 21.28 -12.22 -4.92
CA GLY C 75 19.97 -12.68 -4.46
C GLY C 75 18.95 -12.70 -5.58
N HIS C 76 19.35 -12.38 -6.81
CA HIS C 76 18.41 -12.20 -7.95
C HIS C 76 18.88 -13.01 -9.16
N GLY C 77 17.92 -13.42 -10.00
CA GLY C 77 18.15 -14.02 -11.32
C GLY C 77 19.19 -15.12 -11.22
N GLU C 78 20.26 -15.09 -12.02
CA GLU C 78 21.25 -16.21 -12.05
C GLU C 78 22.45 -15.91 -11.15
N SER C 79 22.48 -14.78 -10.46
CA SER C 79 23.65 -14.40 -9.64
C SER C 79 23.61 -15.19 -8.32
N ASP C 80 24.74 -15.37 -7.65
CA ASP C 80 24.81 -16.04 -6.33
C ASP C 80 24.13 -15.22 -5.24
N GLY C 81 23.96 -15.84 -4.07
CA GLY C 81 23.48 -15.21 -2.84
C GLY C 81 22.00 -15.45 -2.64
N ALA C 82 21.55 -15.50 -1.39
CA ALA C 82 20.14 -15.71 -1.01
C ALA C 82 19.44 -14.34 -1.05
N PHE C 83 18.20 -14.33 -1.53
CA PHE C 83 17.35 -13.12 -1.60
C PHE C 83 17.33 -12.44 -0.22
N GLU C 84 17.21 -13.23 0.83
CA GLU C 84 17.13 -12.77 2.23
C GLU C 84 18.41 -12.05 2.67
N ASP C 85 19.55 -12.26 2.02
CA ASP C 85 20.85 -11.61 2.39
C ASP C 85 20.99 -10.31 1.60
N MET C 86 20.06 -9.98 0.69
CA MET C 86 20.23 -8.79 -0.17
C MET C 86 19.89 -7.53 0.63
N THR C 87 20.69 -6.47 0.47
CA THR C 87 20.37 -5.12 0.98
C THR C 87 20.67 -4.11 -0.13
N VAL C 88 20.19 -2.89 0.02
CA VAL C 88 20.52 -1.79 -0.93
C VAL C 88 22.04 -1.55 -0.85
N CYS C 89 22.62 -1.66 0.35
CA CYS C 89 24.07 -1.54 0.69
C CYS C 89 24.89 -2.46 -0.22
N ASN C 90 24.56 -3.77 -0.12
CA ASN C 90 25.39 -4.80 -0.80
C ASN C 90 25.08 -4.81 -2.30
N GLU C 91 23.94 -4.31 -2.76
CA GLU C 91 23.72 -4.04 -4.20
C GLU C 91 24.61 -2.86 -4.65
N ILE C 92 24.85 -1.84 -3.82
CA ILE C 92 25.82 -0.77 -4.17
C ILE C 92 27.23 -1.40 -4.29
N ALA C 93 27.58 -2.39 -3.47
CA ALA C 93 28.90 -3.09 -3.57
C ALA C 93 28.93 -3.92 -4.84
N ASP C 94 27.82 -4.58 -5.21
CA ASP C 94 27.72 -5.23 -6.54
C ASP C 94 28.05 -4.20 -7.62
N ALA C 95 27.34 -3.07 -7.62
CA ALA C 95 27.39 -2.10 -8.73
C ALA C 95 28.81 -1.52 -8.80
N GLN C 96 29.47 -1.39 -7.65
CA GLN C 96 30.86 -0.85 -7.59
C GLN C 96 31.82 -1.79 -8.33
N LYS C 97 31.68 -3.12 -8.17
CA LYS C 97 32.52 -4.12 -8.90
C LYS C 97 32.19 -4.10 -10.40
N ILE C 98 30.94 -3.91 -10.77
CA ILE C 98 30.54 -3.75 -12.20
C ILE C 98 31.20 -2.49 -12.76
N LEU C 99 31.13 -1.39 -12.02
CA LEU C 99 31.71 -0.09 -12.44
C LEU C 99 33.23 -0.21 -12.68
N GLU C 100 33.95 -0.90 -11.77
CA GLU C 100 35.42 -1.15 -11.82
C GLU C 100 35.70 -1.99 -13.09
N TYR C 101 34.89 -3.03 -13.37
CA TYR C 101 34.99 -3.88 -14.60
C TYR C 101 34.85 -2.98 -15.84
N VAL C 102 33.94 -2.02 -15.83
CA VAL C 102 33.70 -1.10 -16.97
C VAL C 102 34.79 -0.01 -17.01
N ARG C 103 35.19 0.58 -15.87
CA ARG C 103 36.12 1.74 -15.87
C ARG C 103 37.49 1.24 -16.39
N THR C 104 37.77 -0.04 -16.24
CA THR C 104 39.12 -0.54 -16.53
C THR C 104 39.07 -1.27 -17.89
N ASP C 105 37.90 -1.33 -18.53
CA ASP C 105 37.77 -1.97 -19.86
C ASP C 105 38.59 -1.15 -20.85
N PRO C 106 39.46 -1.78 -21.66
CA PRO C 106 40.27 -1.01 -22.62
C PRO C 106 39.47 -0.22 -23.65
N HIS C 107 38.25 -0.66 -23.98
CA HIS C 107 37.43 -0.11 -25.10
C HIS C 107 36.40 0.95 -24.63
N VAL C 108 36.33 1.25 -23.34
CA VAL C 108 35.22 2.10 -22.82
C VAL C 108 35.72 3.53 -22.70
N ARG C 109 34.96 4.48 -23.23
CA ARG C 109 35.22 5.94 -23.16
C ARG C 109 34.47 6.49 -21.94
N ASN C 110 33.19 6.85 -22.08
CA ASN C 110 32.44 7.48 -20.97
C ASN C 110 31.52 6.43 -20.35
N ILE C 111 31.27 6.58 -19.07
CA ILE C 111 30.42 5.62 -18.33
C ILE C 111 29.10 6.29 -17.95
N PHE C 112 27.99 5.65 -18.32
CA PHE C 112 26.61 6.05 -17.94
C PHE C 112 26.03 5.02 -16.96
N LEU C 113 25.17 5.45 -16.04
CA LEU C 113 24.35 4.50 -15.23
C LEU C 113 22.89 4.73 -15.60
N VAL C 114 22.19 3.61 -15.70
CA VAL C 114 20.73 3.57 -15.92
C VAL C 114 20.18 2.62 -14.86
N GLY C 115 19.27 3.11 -14.02
CA GLY C 115 18.70 2.33 -12.93
C GLY C 115 17.20 2.48 -12.89
N HIS C 116 16.48 1.34 -12.85
CA HIS C 116 15.01 1.25 -12.72
C HIS C 116 14.69 0.92 -11.26
N ALA C 117 13.87 1.76 -10.65
CA ALA C 117 13.26 1.58 -9.30
C ALA C 117 14.33 1.41 -8.23
N GLN C 118 14.49 0.23 -7.61
CA GLN C 118 15.58 0.04 -6.63
C GLN C 118 16.94 0.21 -7.34
N GLY C 119 17.06 -0.26 -8.58
CA GLY C 119 18.22 0.00 -9.45
C GLY C 119 18.55 1.49 -9.54
N GLY C 120 17.53 2.33 -9.69
CA GLY C 120 17.70 3.79 -9.67
C GLY C 120 18.29 4.29 -8.35
N VAL C 121 17.86 3.75 -7.21
CA VAL C 121 18.43 4.18 -5.89
C VAL C 121 19.91 3.79 -5.88
N VAL C 122 20.21 2.56 -6.25
CA VAL C 122 21.61 2.03 -6.30
C VAL C 122 22.44 2.96 -7.19
N ALA C 123 21.96 3.22 -8.41
CA ALA C 123 22.61 4.08 -9.41
C ALA C 123 22.87 5.49 -8.85
N SER C 124 21.85 6.10 -8.25
CA SER C 124 21.94 7.46 -7.66
C SER C 124 23.02 7.49 -6.59
N MET C 125 23.12 6.45 -5.77
CA MET C 125 24.11 6.25 -4.69
C MET C 125 25.53 6.11 -5.26
N LEU C 126 25.66 5.17 -6.19
CA LEU C 126 26.96 4.90 -6.86
C LEU C 126 27.48 6.16 -7.57
N ALA C 127 26.62 6.90 -8.26
CA ALA C 127 26.99 8.16 -8.94
C ALA C 127 27.53 9.18 -7.94
N GLY C 128 26.90 9.25 -6.77
CA GLY C 128 27.28 10.11 -5.65
C GLY C 128 28.63 9.71 -5.10
N LEU C 129 28.97 8.42 -5.14
CA LEU C 129 30.28 7.94 -4.64
C LEU C 129 31.35 8.04 -5.74
N TYR C 130 30.94 8.11 -7.01
CA TYR C 130 31.90 8.20 -8.13
C TYR C 130 31.50 9.35 -9.07
N PRO C 131 31.42 10.60 -8.58
CA PRO C 131 30.98 11.70 -9.41
C PRO C 131 32.06 12.13 -10.41
N ASP C 132 33.31 11.76 -10.18
CA ASP C 132 34.47 12.09 -11.05
C ASP C 132 34.57 11.03 -12.17
N ILE C 133 33.85 9.94 -12.07
CA ILE C 133 33.86 8.81 -13.05
C ILE C 133 32.59 8.76 -13.92
N VAL C 134 31.40 8.84 -13.34
CA VAL C 134 30.11 8.75 -14.08
C VAL C 134 29.80 10.05 -14.83
N LYS C 135 29.58 9.95 -16.12
CA LYS C 135 29.34 11.11 -17.00
C LYS C 135 27.86 11.42 -17.20
N LYS C 136 26.99 10.41 -17.19
CA LYS C 136 25.53 10.63 -17.33
C LYS C 136 24.78 9.58 -16.51
N VAL C 137 23.64 9.97 -15.97
CA VAL C 137 22.77 9.07 -15.18
C VAL C 137 21.31 9.18 -15.67
N VAL C 138 20.67 8.04 -15.80
CA VAL C 138 19.22 7.95 -16.11
C VAL C 138 18.55 7.16 -14.97
N LEU C 139 17.59 7.79 -14.30
CA LEU C 139 16.79 7.19 -13.21
C LEU C 139 15.35 7.01 -13.72
N LEU C 140 14.92 5.77 -13.72
CA LEU C 140 13.55 5.39 -14.12
C LEU C 140 12.76 4.99 -12.86
N ALA C 141 11.85 5.84 -12.40
CA ALA C 141 11.00 5.62 -11.22
C ALA C 141 11.86 5.20 -10.01
N PRO C 142 12.91 5.94 -9.64
CA PRO C 142 13.80 5.57 -8.57
C PRO C 142 13.03 5.36 -7.26
N ALA C 143 13.22 4.20 -6.65
CA ALA C 143 12.40 3.80 -5.50
C ALA C 143 12.93 4.26 -4.14
N ALA C 144 13.09 5.56 -3.93
CA ALA C 144 13.57 6.17 -2.66
C ALA C 144 12.56 6.00 -1.51
N GLN C 145 11.30 5.72 -1.82
CA GLN C 145 10.18 5.39 -0.90
C GLN C 145 10.49 4.14 -0.06
N LEU C 146 11.36 3.24 -0.52
CA LEU C 146 11.78 2.05 0.27
C LEU C 146 12.29 2.47 1.66
N LYS C 147 12.98 3.60 1.81
CA LYS C 147 13.41 4.13 3.11
C LYS C 147 12.17 4.53 3.94
N ASP C 148 11.29 5.38 3.41
CA ASP C 148 10.07 5.84 4.11
C ASP C 148 9.17 4.66 4.48
N ASP C 149 9.02 3.70 3.60
CA ASP C 149 8.22 2.50 3.95
C ASP C 149 8.88 1.72 5.11
N ALA C 150 10.21 1.59 5.10
CA ALA C 150 10.96 0.88 6.16
C ALA C 150 10.76 1.56 7.51
N LEU C 151 10.72 2.90 7.51
CA LEU C 151 10.52 3.73 8.72
C LEU C 151 9.06 3.63 9.19
N ASN C 152 8.14 3.34 8.28
CA ASN C 152 6.70 3.25 8.58
C ASN C 152 6.29 1.82 8.96
N GLY C 153 7.11 0.83 8.63
CA GLY C 153 6.77 -0.56 8.94
C GLY C 153 5.78 -1.16 7.97
N ASP C 154 5.73 -0.66 6.73
CA ASP C 154 4.85 -1.24 5.69
C ASP C 154 5.59 -1.31 4.34
N THR C 155 6.08 -2.50 4.00
CA THR C 155 6.83 -2.72 2.75
C THR C 155 5.97 -3.52 1.75
N GLN C 156 5.19 -2.80 0.95
CA GLN C 156 4.31 -3.38 -0.10
C GLN C 156 3.37 -4.43 0.48
N GLY C 157 2.74 -4.14 1.62
CA GLY C 157 1.84 -5.13 2.25
C GLY C 157 2.46 -5.89 3.40
N ALA C 158 3.77 -6.13 3.39
CA ALA C 158 4.43 -6.84 4.50
C ALA C 158 4.59 -5.85 5.65
N THR C 159 4.01 -6.15 6.79
CA THR C 159 4.02 -5.25 7.96
C THR C 159 4.86 -5.79 9.11
N TYR C 160 5.40 -4.87 9.88
CA TYR C 160 6.36 -5.17 10.98
C TYR C 160 6.53 -3.90 11.81
N ASN C 161 6.89 -4.05 13.08
CA ASN C 161 7.23 -2.89 13.92
C ASN C 161 8.58 -2.35 13.44
N PRO C 162 8.66 -1.06 13.06
CA PRO C 162 9.88 -0.44 12.55
C PRO C 162 11.01 -0.29 13.57
N GLU C 163 10.73 -0.39 14.86
CA GLU C 163 11.77 -0.35 15.92
C GLU C 163 12.15 -1.77 16.35
N HIS C 164 11.39 -2.78 15.99
CA HIS C 164 11.73 -4.18 16.40
C HIS C 164 11.66 -5.09 15.17
N ILE C 165 12.49 -4.81 14.18
CA ILE C 165 12.40 -5.57 12.91
C ILE C 165 12.84 -7.00 13.16
N PRO C 166 12.08 -8.00 12.70
CA PRO C 166 12.44 -9.41 12.86
C PRO C 166 13.64 -9.79 11.99
N ALA C 167 14.23 -10.93 12.26
CA ALA C 167 15.39 -11.44 11.50
C ALA C 167 15.08 -11.48 9.99
N ALA C 168 13.88 -11.94 9.62
CA ALA C 168 13.40 -12.01 8.24
C ALA C 168 11.87 -11.91 8.22
N ILE C 169 11.30 -11.41 7.13
CA ILE C 169 9.84 -11.27 7.01
C ILE C 169 9.37 -11.93 5.72
N PRO C 170 8.18 -12.57 5.70
CA PRO C 170 7.64 -13.18 4.50
C PRO C 170 7.32 -12.06 3.51
N PHE C 171 7.65 -12.30 2.25
CA PHE C 171 7.44 -11.28 1.22
C PHE C 171 7.18 -11.98 -0.10
N HIS C 172 5.91 -11.97 -0.47
CA HIS C 172 5.36 -12.61 -1.70
C HIS C 172 6.00 -13.98 -1.90
N GLY C 173 5.97 -14.85 -0.89
CA GLY C 173 6.55 -16.19 -1.00
C GLY C 173 8.04 -16.27 -0.83
N LYS C 174 8.76 -15.15 -0.70
CA LYS C 174 10.21 -15.17 -0.47
C LYS C 174 10.51 -14.68 0.95
N LYS C 175 11.77 -14.57 1.30
CA LYS C 175 12.04 -14.02 2.64
C LYS C 175 12.93 -12.79 2.49
N LEU C 176 12.35 -11.69 2.91
CA LEU C 176 13.03 -10.37 2.95
C LEU C 176 13.79 -10.26 4.28
N GLY C 177 15.09 -10.03 4.18
CA GLY C 177 15.94 -9.92 5.36
C GLY C 177 15.65 -8.71 6.22
N GLY C 178 15.74 -8.88 7.52
CA GLY C 178 15.61 -7.78 8.48
C GLY C 178 16.67 -6.72 8.26
N PHE C 179 17.88 -7.13 7.87
CA PHE C 179 18.98 -6.20 7.58
C PHE C 179 18.63 -5.28 6.40
N TYR C 180 17.91 -5.77 5.39
CA TYR C 180 17.44 -4.92 4.28
C TYR C 180 16.66 -3.73 4.87
N LEU C 181 15.71 -4.03 5.75
CA LEU C 181 14.86 -3.00 6.39
C LEU C 181 15.66 -2.11 7.35
N ARG C 182 16.55 -2.65 8.16
CA ARG C 182 17.32 -1.80 9.11
C ARG C 182 18.23 -0.81 8.35
N THR C 183 18.94 -1.28 7.33
CA THR C 183 19.79 -0.39 6.52
C THR C 183 18.94 0.60 5.72
N ALA C 184 17.78 0.15 5.22
CA ALA C 184 16.87 1.00 4.40
C ALA C 184 16.47 2.24 5.20
N GLN C 185 16.15 2.06 6.47
CA GLN C 185 15.72 3.14 7.37
C GLN C 185 16.76 4.27 7.50
N VAL C 186 18.06 3.97 7.44
CA VAL C 186 19.12 4.98 7.67
C VAL C 186 19.88 5.34 6.40
N LEU C 187 19.41 4.89 5.24
CA LEU C 187 20.10 5.14 3.96
C LEU C 187 20.12 6.64 3.63
N PRO C 188 21.27 7.29 3.45
CA PRO C 188 21.32 8.71 3.09
C PRO C 188 21.23 8.88 1.56
N ILE C 189 20.10 8.49 1.00
CA ILE C 189 19.79 8.44 -0.46
C ILE C 189 20.09 9.79 -1.13
N TYR C 190 19.33 10.82 -0.77
CA TYR C 190 19.41 12.18 -1.38
C TYR C 190 20.71 12.90 -1.01
N GLU C 191 21.17 12.72 0.22
CA GLU C 191 22.42 13.30 0.77
C GLU C 191 23.62 12.84 -0.07
N ILE C 192 23.66 11.56 -0.43
CA ILE C 192 24.79 11.01 -1.23
C ILE C 192 24.59 11.33 -2.71
N ALA C 193 23.37 11.18 -3.23
CA ALA C 193 23.04 11.44 -4.63
C ALA C 193 23.39 12.87 -5.07
N LYS C 194 23.20 13.86 -4.18
CA LYS C 194 23.48 15.30 -4.42
C LYS C 194 24.93 15.60 -4.82
N HIS C 195 25.90 14.76 -4.47
CA HIS C 195 27.33 14.92 -4.83
C HIS C 195 27.52 14.78 -6.35
N TYR C 196 26.64 14.08 -7.05
CA TYR C 196 26.71 13.94 -8.51
C TYR C 196 26.20 15.23 -9.17
N THR C 197 27.08 15.91 -9.86
CA THR C 197 26.78 17.23 -10.49
C THR C 197 26.76 17.15 -12.01
N ASN C 198 27.01 15.98 -12.59
CA ASN C 198 26.92 15.78 -14.07
C ASN C 198 25.46 15.62 -14.50
N PRO C 199 25.13 15.56 -15.81
CA PRO C 199 23.75 15.44 -16.24
C PRO C 199 23.00 14.18 -15.77
N VAL C 200 21.78 14.42 -15.33
CA VAL C 200 20.83 13.38 -14.87
C VAL C 200 19.49 13.57 -15.58
N SER C 201 18.92 12.50 -16.07
CA SER C 201 17.57 12.42 -16.64
C SER C 201 16.73 11.51 -15.74
N ILE C 202 15.62 12.05 -15.22
CA ILE C 202 14.68 11.32 -14.32
C ILE C 202 13.39 11.06 -15.07
N ILE C 203 13.12 9.80 -15.36
CA ILE C 203 11.90 9.40 -16.11
C ILE C 203 10.96 8.73 -15.11
N VAL C 204 9.74 9.25 -15.00
CA VAL C 204 8.73 8.74 -14.03
C VAL C 204 7.34 8.62 -14.66
N GLY C 205 6.66 7.53 -14.36
CA GLY C 205 5.28 7.30 -14.81
C GLY C 205 4.30 8.03 -13.91
N SER C 206 3.37 8.76 -14.50
CA SER C 206 2.41 9.56 -13.71
C SER C 206 1.44 8.69 -12.90
N ASN C 207 1.14 7.48 -13.35
CA ASN C 207 0.25 6.58 -12.59
C ASN C 207 1.06 5.54 -11.82
N ASP C 208 2.25 5.88 -11.36
CA ASP C 208 3.08 4.89 -10.63
C ASP C 208 2.38 4.52 -9.32
N GLN C 209 2.02 3.26 -9.17
CA GLN C 209 1.29 2.79 -7.97
C GLN C 209 2.21 2.04 -6.99
N VAL C 210 3.50 1.99 -7.26
CA VAL C 210 4.48 1.26 -6.41
C VAL C 210 5.32 2.29 -5.67
N VAL C 211 5.83 3.27 -6.38
CA VAL C 211 6.64 4.38 -5.83
C VAL C 211 5.96 5.72 -6.15
N ALA C 212 5.71 6.52 -5.14
CA ALA C 212 5.08 7.82 -5.40
C ALA C 212 5.99 8.67 -6.29
N PRO C 213 5.47 9.30 -7.37
CA PRO C 213 6.20 10.20 -8.24
C PRO C 213 6.92 11.37 -7.56
N LYS C 214 6.49 11.82 -6.38
CA LYS C 214 7.17 12.83 -5.53
C LYS C 214 8.66 12.47 -5.26
N TYR C 215 9.00 11.20 -5.12
CA TYR C 215 10.40 10.73 -4.97
C TYR C 215 11.21 11.16 -6.20
N SER C 216 10.70 10.96 -7.42
CA SER C 216 11.36 11.42 -8.66
C SER C 216 11.53 12.95 -8.63
N LYS C 217 10.48 13.64 -8.17
CA LYS C 217 10.47 15.11 -8.08
C LYS C 217 11.55 15.58 -7.12
N LYS C 218 11.73 14.86 -6.01
CA LYS C 218 12.75 15.19 -5.00
C LYS C 218 14.13 15.09 -5.65
N TYR C 219 14.38 14.02 -6.42
CA TYR C 219 15.68 13.90 -7.12
C TYR C 219 15.87 15.13 -8.02
N ASP C 220 14.86 15.54 -8.78
CA ASP C 220 15.01 16.71 -9.69
C ASP C 220 15.38 17.98 -8.89
N GLU C 221 14.82 18.17 -7.72
CA GLU C 221 15.07 19.31 -6.81
C GLU C 221 16.51 19.32 -6.35
N VAL C 222 16.95 18.14 -5.94
CA VAL C 222 18.27 17.96 -5.26
C VAL C 222 19.45 18.04 -6.23
N TYR C 223 19.30 17.57 -7.46
CA TYR C 223 20.39 17.53 -8.44
C TYR C 223 20.70 18.88 -9.06
N GLU C 224 21.99 19.16 -9.15
CA GLU C 224 22.53 20.36 -9.80
C GLU C 224 22.17 20.43 -11.29
N ASN C 225 22.35 19.35 -12.04
CA ASN C 225 22.10 19.35 -13.50
C ASN C 225 21.15 18.21 -13.88
N SER C 226 19.86 18.45 -13.65
CA SER C 226 18.83 17.42 -13.90
C SER C 226 17.70 17.91 -14.79
N GLU C 227 17.05 16.93 -15.37
CA GLU C 227 15.84 17.05 -16.16
C GLU C 227 14.85 15.98 -15.69
N LEU C 228 13.59 16.35 -15.65
CA LEU C 228 12.53 15.46 -15.18
C LEU C 228 11.51 15.21 -16.28
N HIS C 229 11.24 13.94 -16.54
CA HIS C 229 10.28 13.52 -17.57
C HIS C 229 9.13 12.75 -16.95
N MET C 230 7.98 13.41 -16.80
CA MET C 230 6.78 12.71 -16.31
C MET C 230 6.06 12.16 -17.54
N VAL C 231 6.12 10.85 -17.70
CA VAL C 231 5.45 10.12 -18.81
C VAL C 231 3.99 9.95 -18.41
N PRO C 232 3.05 10.62 -19.07
CA PRO C 232 1.63 10.53 -18.72
C PRO C 232 1.05 9.12 -18.82
N ASP C 233 0.33 8.69 -17.78
CA ASP C 233 -0.39 7.40 -17.62
C ASP C 233 0.52 6.18 -17.37
N ALA C 234 1.84 6.32 -17.42
CA ALA C 234 2.77 5.19 -17.28
C ALA C 234 2.74 4.59 -15.87
N ASP C 235 2.85 3.28 -15.82
CA ASP C 235 2.93 2.47 -14.57
C ASP C 235 4.39 2.38 -14.07
N HIS C 236 4.61 1.68 -12.95
CA HIS C 236 5.97 1.61 -12.32
C HIS C 236 7.00 0.86 -13.16
N SER C 237 6.58 -0.17 -13.91
CA SER C 237 7.49 -1.03 -14.70
C SER C 237 7.64 -0.55 -16.14
N PHE C 238 6.89 0.49 -16.54
CA PHE C 238 6.84 1.06 -17.90
C PHE C 238 6.47 -0.09 -18.86
N THR C 239 5.31 -0.73 -18.66
CA THR C 239 4.91 -1.93 -19.47
C THR C 239 4.22 -1.49 -20.77
N GLY C 240 4.07 -2.44 -21.70
CA GLY C 240 3.48 -2.25 -23.03
C GLY C 240 3.94 -0.97 -23.70
N GLN C 241 3.03 -0.03 -23.96
CA GLN C 241 3.33 1.21 -24.71
C GLN C 241 4.23 2.17 -23.93
N TYR C 242 4.20 2.11 -22.61
CA TYR C 242 5.00 3.05 -21.79
C TYR C 242 6.50 2.70 -21.90
N LYS C 243 6.83 1.45 -22.21
CA LYS C 243 8.22 0.99 -22.44
C LYS C 243 8.86 1.85 -23.54
N ASP C 244 8.16 2.09 -24.66
CA ASP C 244 8.77 2.74 -25.85
C ASP C 244 9.10 4.20 -25.49
N SER C 245 8.29 4.86 -24.65
CA SER C 245 8.53 6.25 -24.14
C SER C 245 9.79 6.28 -23.25
N ALA C 246 9.85 5.43 -22.22
CA ALA C 246 11.00 5.32 -21.31
C ALA C 246 12.27 5.01 -22.12
N VAL C 247 12.22 4.04 -23.05
CA VAL C 247 13.41 3.69 -23.89
C VAL C 247 13.85 4.88 -24.74
N ASP C 248 12.92 5.59 -25.40
CA ASP C 248 13.26 6.73 -26.31
C ASP C 248 13.89 7.87 -25.50
N LEU C 249 13.35 8.20 -24.32
CA LEU C 249 13.97 9.21 -23.43
C LEU C 249 15.35 8.73 -22.95
N THR C 250 15.52 7.45 -22.61
CA THR C 250 16.83 6.91 -22.17
C THR C 250 17.86 7.05 -23.31
N ALA C 251 17.52 6.61 -24.52
CA ALA C 251 18.42 6.55 -25.68
C ALA C 251 18.81 7.97 -26.09
N GLU C 252 17.83 8.90 -26.04
CA GLU C 252 18.00 10.28 -26.52
C GLU C 252 18.96 10.99 -25.58
N PHE C 253 18.90 10.67 -24.29
CA PHE C 253 19.73 11.37 -23.29
C PHE C 253 21.18 10.93 -23.42
N LEU C 254 21.41 9.66 -23.76
CA LEU C 254 22.72 8.97 -23.70
C LEU C 254 23.42 8.99 -25.06
N LYS C 255 22.66 9.14 -26.15
CA LYS C 255 23.14 9.19 -27.57
C LYS C 255 24.33 10.14 -27.71
N PRO C 256 25.40 9.74 -28.45
CA PRO C 256 26.59 10.57 -28.71
C PRO C 256 26.43 12.02 -29.20
N SER D 13 37.47 -22.86 21.58
CA SER D 13 37.70 -21.65 20.77
C SER D 13 37.10 -21.60 19.36
N ARG D 14 37.93 -21.94 18.36
CA ARG D 14 37.69 -21.90 16.88
C ARG D 14 36.21 -21.90 16.46
N ILE D 15 35.77 -20.82 15.79
CA ILE D 15 34.41 -20.65 15.19
C ILE D 15 34.56 -20.10 13.77
N THR D 16 33.78 -20.57 12.80
CA THR D 16 33.65 -19.92 11.48
C THR D 16 32.18 -19.58 11.20
N ILE D 17 31.97 -18.50 10.48
CA ILE D 17 30.64 -18.17 9.91
C ILE D 17 30.88 -17.56 8.53
N GLU D 18 29.84 -17.65 7.69
CA GLU D 18 29.91 -17.13 6.29
C GLU D 18 29.15 -15.80 6.20
N ARG D 19 29.75 -14.89 5.44
CA ARG D 19 29.08 -13.64 5.00
C ARG D 19 29.34 -13.53 3.49
N ASP D 20 28.32 -13.70 2.66
CA ASP D 20 28.41 -13.55 1.19
C ASP D 20 29.52 -14.48 0.64
N GLY D 21 29.51 -15.75 1.03
CA GLY D 21 30.54 -16.73 0.58
C GLY D 21 31.97 -16.36 1.02
N LEU D 22 32.15 -15.44 1.97
CA LEU D 22 33.42 -15.25 2.72
C LEU D 22 33.32 -15.97 4.06
N THR D 23 34.31 -16.81 4.40
CA THR D 23 34.42 -17.43 5.75
C THR D 23 35.13 -16.46 6.69
N LEU D 24 34.44 -16.07 7.77
CA LEU D 24 35.04 -15.29 8.89
C LEU D 24 35.43 -16.27 10.02
N VAL D 25 36.63 -16.11 10.57
CA VAL D 25 37.21 -17.00 11.62
C VAL D 25 37.21 -16.24 12.94
N GLY D 26 36.75 -16.89 14.01
CA GLY D 26 36.80 -16.29 15.36
C GLY D 26 37.05 -17.31 16.47
N ASP D 27 37.14 -16.79 17.68
CA ASP D 27 37.33 -17.55 18.93
C ASP D 27 36.20 -17.26 19.93
N ARG D 28 35.58 -18.31 20.40
CA ARG D 28 34.52 -18.20 21.41
C ARG D 28 35.05 -18.60 22.78
N GLU D 29 34.89 -17.71 23.76
CA GLU D 29 35.23 -17.96 25.18
C GLU D 29 33.92 -17.98 25.97
N GLU D 30 33.66 -19.06 26.69
CA GLU D 30 32.42 -19.19 27.48
C GLU D 30 32.73 -19.38 28.96
N PRO D 31 31.89 -18.89 29.88
CA PRO D 31 32.10 -19.13 31.29
C PRO D 31 31.37 -20.42 31.67
N PHE D 32 31.43 -20.76 32.95
CA PHE D 32 30.67 -21.93 33.45
C PHE D 32 29.23 -21.45 33.57
N GLY D 33 28.26 -22.33 33.34
CA GLY D 33 26.88 -21.84 33.41
C GLY D 33 26.17 -22.08 32.10
N GLU D 34 24.88 -22.35 32.16
CA GLU D 34 24.08 -22.69 30.96
C GLU D 34 23.65 -21.44 30.17
N ILE D 35 23.43 -20.33 30.86
CA ILE D 35 22.97 -19.02 30.30
C ILE D 35 23.92 -17.90 30.73
N TYR D 36 24.39 -17.12 29.77
CA TYR D 36 25.32 -15.98 30.00
C TYR D 36 24.98 -14.86 29.03
N ASP D 37 25.29 -13.65 29.44
CA ASP D 37 25.45 -12.50 28.52
C ASP D 37 26.67 -12.80 27.62
N MET D 38 26.69 -12.18 26.43
CA MET D 38 27.74 -12.43 25.44
C MET D 38 28.18 -11.08 24.83
N ALA D 39 29.50 -10.84 24.77
CA ALA D 39 30.12 -9.66 24.14
C ALA D 39 30.69 -10.02 22.78
N ILE D 40 30.51 -9.13 21.80
CA ILE D 40 31.17 -9.23 20.48
C ILE D 40 32.32 -8.23 20.50
N LEU D 41 33.55 -8.73 20.37
CA LEU D 41 34.79 -7.91 20.47
C LEU D 41 35.31 -7.67 19.06
N MET D 42 35.52 -6.42 18.70
CA MET D 42 35.84 -6.00 17.32
C MET D 42 37.13 -5.17 17.32
N HIS D 43 38.14 -5.72 16.67
CA HIS D 43 39.48 -5.14 16.44
C HIS D 43 39.41 -3.99 15.42
N GLY D 44 40.52 -3.26 15.30
CA GLY D 44 40.68 -2.09 14.43
C GLY D 44 41.32 -2.43 13.10
N PHE D 45 41.47 -1.40 12.28
CA PHE D 45 42.21 -1.28 10.99
C PHE D 45 43.60 -1.91 11.12
N THR D 46 43.83 -2.90 10.26
CA THR D 46 45.12 -3.62 10.10
C THR D 46 45.37 -4.56 11.28
N ALA D 47 44.50 -4.52 12.29
CA ALA D 47 44.70 -5.43 13.44
C ALA D 47 44.05 -6.79 13.21
N ASN D 48 43.93 -7.55 14.28
CA ASN D 48 43.33 -8.91 14.21
C ASN D 48 42.58 -9.20 15.51
N ARG D 49 42.08 -10.42 15.64
CA ARG D 49 41.11 -10.74 16.71
C ARG D 49 41.86 -11.08 18.00
N ASN D 50 43.19 -11.18 17.93
CA ASN D 50 44.04 -11.75 18.99
C ASN D 50 45.09 -10.71 19.41
N THR D 51 44.80 -9.42 19.30
CA THR D 51 45.62 -8.36 19.94
C THR D 51 45.64 -8.64 21.44
N PRO D 52 46.70 -8.21 22.16
CA PRO D 52 46.75 -8.33 23.62
C PRO D 52 45.47 -7.78 24.26
N LEU D 53 45.08 -6.56 23.90
CA LEU D 53 43.86 -5.89 24.40
C LEU D 53 42.68 -6.86 24.32
N LEU D 54 42.41 -7.41 23.14
CA LEU D 54 41.15 -8.18 22.90
C LEU D 54 41.20 -9.52 23.63
N ARG D 55 42.32 -10.23 23.61
CA ARG D 55 42.53 -11.50 24.38
C ARG D 55 42.29 -11.26 25.89
N GLN D 56 42.70 -10.10 26.40
CA GLN D 56 42.62 -9.87 27.86
C GLN D 56 41.24 -9.31 28.21
N ILE D 57 40.56 -8.63 27.28
CA ILE D 57 39.11 -8.32 27.44
C ILE D 57 38.38 -9.67 27.57
N ALA D 58 38.61 -10.62 26.66
CA ALA D 58 37.83 -11.88 26.62
C ALA D 58 38.07 -12.68 27.91
N ASP D 59 39.33 -12.80 28.34
CA ASP D 59 39.71 -13.62 29.51
C ASP D 59 39.12 -12.97 30.76
N ASN D 60 39.24 -11.67 30.93
CA ASN D 60 38.65 -11.03 32.14
C ASN D 60 37.12 -11.14 32.10
N LEU D 61 36.52 -11.03 30.91
CA LEU D 61 35.05 -11.12 30.74
C LEU D 61 34.56 -12.49 31.23
N ARG D 62 35.19 -13.58 30.83
CA ARG D 62 34.81 -14.95 31.28
C ARG D 62 34.81 -14.99 32.83
N ASP D 63 35.74 -14.29 33.45
CA ASP D 63 35.90 -14.29 34.93
C ASP D 63 34.69 -13.61 35.58
N GLU D 64 34.04 -12.70 34.85
CA GLU D 64 32.84 -12.02 35.35
C GLU D 64 31.59 -12.68 34.78
N ASN D 65 31.74 -13.89 34.27
CA ASN D 65 30.64 -14.73 33.73
C ASN D 65 30.06 -14.17 32.41
N VAL D 66 30.85 -13.43 31.64
CA VAL D 66 30.41 -12.98 30.29
C VAL D 66 31.22 -13.66 29.21
N ALA D 67 30.54 -14.49 28.42
CA ALA D 67 31.04 -15.09 27.17
C ALA D 67 31.50 -13.99 26.23
N SER D 68 32.30 -14.36 25.25
CA SER D 68 32.76 -13.44 24.19
C SER D 68 32.97 -14.22 22.90
N VAL D 69 32.82 -13.52 21.79
CA VAL D 69 33.30 -13.95 20.45
C VAL D 69 34.10 -12.81 19.88
N ARG D 70 35.28 -13.13 19.36
CA ARG D 70 36.13 -12.17 18.61
C ARG D 70 36.36 -12.81 17.23
N PHE D 71 36.03 -12.08 16.15
CA PHE D 71 36.30 -12.52 14.75
C PHE D 71 37.28 -11.55 14.10
N ASP D 72 38.07 -12.07 13.16
CA ASP D 72 38.84 -11.24 12.19
C ASP D 72 37.85 -10.72 11.15
N PHE D 73 37.78 -9.42 10.96
CA PHE D 73 37.09 -8.79 9.80
C PHE D 73 37.65 -9.36 8.48
N ASN D 74 36.84 -9.27 7.42
CA ASN D 74 37.23 -9.66 6.05
C ASN D 74 38.53 -8.91 5.75
N GLY D 75 39.46 -9.59 5.06
CA GLY D 75 40.78 -9.06 4.65
C GLY D 75 41.70 -8.76 5.83
N HIS D 76 41.53 -9.47 6.95
CA HIS D 76 42.33 -9.32 8.19
C HIS D 76 42.51 -10.71 8.82
N GLY D 77 43.64 -10.93 9.50
CA GLY D 77 43.93 -12.19 10.20
C GLY D 77 43.67 -13.39 9.31
N GLU D 78 42.94 -14.40 9.80
CA GLU D 78 42.63 -15.66 9.09
C GLU D 78 41.33 -15.57 8.30
N SER D 79 40.64 -14.42 8.25
CA SER D 79 39.30 -14.44 7.58
C SER D 79 39.51 -14.24 6.07
N ASP D 80 38.55 -14.69 5.26
CA ASP D 80 38.63 -14.58 3.78
C ASP D 80 38.64 -13.11 3.36
N GLY D 81 38.87 -12.86 2.07
CA GLY D 81 38.79 -11.54 1.42
C GLY D 81 40.15 -10.89 1.34
N ALA D 82 40.37 -10.08 0.32
CA ALA D 82 41.56 -9.24 0.11
C ALA D 82 41.38 -7.96 0.92
N PHE D 83 42.45 -7.50 1.54
CA PHE D 83 42.45 -6.29 2.39
C PHE D 83 41.99 -5.08 1.55
N GLU D 84 42.35 -5.06 0.27
CA GLU D 84 41.95 -3.99 -0.68
C GLU D 84 40.42 -3.94 -0.89
N ASP D 85 39.71 -5.03 -0.64
CA ASP D 85 38.23 -5.07 -0.79
C ASP D 85 37.50 -4.73 0.52
N MET D 86 38.23 -4.47 1.58
CA MET D 86 37.65 -4.20 2.91
C MET D 86 37.18 -2.76 2.91
N THR D 87 35.98 -2.49 3.46
CA THR D 87 35.47 -1.13 3.74
C THR D 87 34.85 -1.16 5.13
N VAL D 88 34.61 0.00 5.73
CA VAL D 88 33.86 0.08 7.02
C VAL D 88 32.50 -0.62 6.85
N CYS D 89 31.80 -0.34 5.74
CA CYS D 89 30.47 -0.90 5.39
C CYS D 89 30.47 -2.42 5.38
N ASN D 90 31.45 -3.08 4.76
CA ASN D 90 31.37 -4.56 4.72
C ASN D 90 31.86 -5.14 6.06
N GLU D 91 32.55 -4.35 6.89
CA GLU D 91 32.85 -4.77 8.28
C GLU D 91 31.57 -4.67 9.11
N ILE D 92 30.72 -3.69 8.86
CA ILE D 92 29.40 -3.62 9.53
C ILE D 92 28.62 -4.90 9.17
N ALA D 93 28.63 -5.34 7.89
CA ALA D 93 27.99 -6.59 7.41
C ALA D 93 28.63 -7.81 8.07
N ASP D 94 29.96 -7.86 8.19
CA ASP D 94 30.53 -8.96 9.00
C ASP D 94 29.88 -8.98 10.39
N ALA D 95 29.89 -7.83 11.07
CA ALA D 95 29.42 -7.65 12.48
C ALA D 95 27.98 -8.11 12.60
N GLN D 96 27.17 -7.78 11.61
CA GLN D 96 25.74 -8.16 11.52
C GLN D 96 25.61 -9.70 11.49
N LYS D 97 26.41 -10.41 10.71
CA LYS D 97 26.34 -11.90 10.69
C LYS D 97 26.81 -12.45 12.03
N ILE D 98 27.80 -11.81 12.67
CA ILE D 98 28.23 -12.23 14.02
C ILE D 98 27.07 -11.97 15.01
N LEU D 99 26.46 -10.79 14.99
CA LEU D 99 25.30 -10.48 15.89
C LEU D 99 24.20 -11.56 15.72
N GLU D 100 23.89 -11.95 14.48
CA GLU D 100 22.82 -12.95 14.17
C GLU D 100 23.18 -14.33 14.74
N TYR D 101 24.42 -14.79 14.61
CA TYR D 101 24.93 -16.03 15.26
C TYR D 101 24.77 -15.94 16.78
N VAL D 102 25.15 -14.80 17.37
CA VAL D 102 25.00 -14.70 18.86
C VAL D 102 23.51 -14.55 19.23
N ARG D 103 22.66 -13.82 18.50
CA ARG D 103 21.26 -13.60 18.97
C ARG D 103 20.48 -14.91 18.84
N THR D 104 20.99 -15.84 18.04
CA THR D 104 20.33 -17.10 17.70
C THR D 104 20.79 -18.18 18.67
N ASP D 105 21.85 -17.94 19.44
CA ASP D 105 22.49 -18.94 20.34
C ASP D 105 21.57 -19.20 21.55
N PRO D 106 21.19 -20.46 21.84
CA PRO D 106 20.24 -20.72 22.93
C PRO D 106 20.81 -20.51 24.34
N HIS D 107 22.14 -20.42 24.50
CA HIS D 107 22.80 -20.12 25.81
C HIS D 107 22.81 -18.62 26.13
N VAL D 108 22.42 -17.72 25.21
CA VAL D 108 22.69 -16.25 25.40
C VAL D 108 21.46 -15.51 25.94
N ARG D 109 21.67 -14.61 26.90
CA ARG D 109 20.67 -13.57 27.31
C ARG D 109 21.00 -12.25 26.57
N ASN D 110 21.78 -11.35 27.15
CA ASN D 110 21.99 -10.00 26.58
C ASN D 110 23.24 -9.98 25.70
N ILE D 111 23.26 -9.07 24.72
CA ILE D 111 24.40 -8.95 23.78
C ILE D 111 25.07 -7.59 23.98
N PHE D 112 26.38 -7.63 24.11
CA PHE D 112 27.21 -6.44 24.28
C PHE D 112 28.16 -6.32 23.07
N LEU D 113 28.50 -5.10 22.71
CA LEU D 113 29.49 -4.85 21.64
C LEU D 113 30.70 -4.11 22.24
N VAL D 114 31.88 -4.61 21.93
CA VAL D 114 33.19 -4.03 22.37
C VAL D 114 34.00 -3.72 21.11
N GLY D 115 34.31 -2.45 20.85
CA GLY D 115 35.02 -2.03 19.63
C GLY D 115 36.18 -1.12 19.95
N HIS D 116 37.38 -1.52 19.55
CA HIS D 116 38.60 -0.69 19.52
C HIS D 116 38.77 -0.03 18.15
N ALA D 117 38.78 1.31 18.12
CA ALA D 117 39.28 2.18 17.02
C ALA D 117 38.33 2.09 15.81
N GLN D 118 38.75 1.45 14.72
CA GLN D 118 37.83 1.28 13.56
C GLN D 118 36.75 0.30 14.01
N GLY D 119 37.14 -0.63 14.87
CA GLY D 119 36.23 -1.58 15.54
C GLY D 119 35.15 -0.84 16.31
N GLY D 120 35.51 0.26 16.97
CA GLY D 120 34.60 1.16 17.69
C GLY D 120 33.60 1.82 16.77
N VAL D 121 34.01 2.30 15.60
CA VAL D 121 33.08 2.91 14.61
C VAL D 121 32.10 1.82 14.14
N VAL D 122 32.56 0.63 13.80
CA VAL D 122 31.73 -0.52 13.36
C VAL D 122 30.70 -0.82 14.46
N ALA D 123 31.16 -1.01 15.69
CA ALA D 123 30.28 -1.29 16.86
C ALA D 123 29.25 -0.17 17.00
N SER D 124 29.66 1.10 16.86
CA SER D 124 28.71 2.22 17.10
C SER D 124 27.66 2.22 15.98
N MET D 125 28.06 1.85 14.78
CA MET D 125 27.09 1.87 13.66
C MET D 125 26.19 0.63 13.77
N LEU D 126 26.73 -0.50 14.16
CA LEU D 126 25.89 -1.72 14.35
C LEU D 126 24.83 -1.51 15.44
N ALA D 127 25.20 -0.92 16.58
CA ALA D 127 24.32 -0.66 17.74
C ALA D 127 23.21 0.33 17.34
N GLY D 128 23.55 1.31 16.49
CA GLY D 128 22.60 2.23 15.86
C GLY D 128 21.57 1.53 14.97
N LEU D 129 21.97 0.46 14.28
CA LEU D 129 21.11 -0.40 13.38
C LEU D 129 20.34 -1.43 14.21
N TYR D 130 20.86 -1.84 15.38
CA TYR D 130 20.24 -2.85 16.29
C TYR D 130 20.09 -2.31 17.72
N PRO D 131 19.53 -1.09 17.93
CA PRO D 131 19.37 -0.54 19.27
C PRO D 131 18.36 -1.31 20.14
N ASP D 132 17.46 -2.08 19.48
CA ASP D 132 16.47 -2.93 20.15
C ASP D 132 17.16 -4.19 20.70
N ILE D 133 18.37 -4.53 20.25
CA ILE D 133 19.01 -5.85 20.52
C ILE D 133 20.27 -5.65 21.35
N VAL D 134 21.07 -4.62 21.09
CA VAL D 134 22.33 -4.40 21.84
C VAL D 134 22.01 -3.78 23.20
N LYS D 135 22.50 -4.37 24.30
CA LYS D 135 22.14 -3.90 25.67
C LYS D 135 23.16 -2.92 26.26
N LYS D 136 24.44 -3.04 25.92
CA LYS D 136 25.55 -2.25 26.49
C LYS D 136 26.63 -2.10 25.40
N VAL D 137 27.32 -0.98 25.22
CA VAL D 137 28.39 -0.82 24.20
C VAL D 137 29.61 -0.23 24.91
N VAL D 138 30.79 -0.80 24.67
CA VAL D 138 32.08 -0.18 25.04
C VAL D 138 32.85 0.17 23.76
N LEU D 139 33.03 1.47 23.49
CA LEU D 139 33.92 2.00 22.41
C LEU D 139 35.29 2.36 23.01
N LEU D 140 36.35 1.74 22.51
CA LEU D 140 37.75 2.04 22.91
C LEU D 140 38.46 2.85 21.80
N ALA D 141 38.57 4.18 21.98
CA ALA D 141 39.17 5.13 21.03
C ALA D 141 38.47 4.96 19.69
N PRO D 142 37.16 5.21 19.59
CA PRO D 142 36.44 5.00 18.34
C PRO D 142 36.94 5.96 17.27
N ALA D 143 37.39 5.40 16.13
CA ALA D 143 38.20 6.11 15.11
C ALA D 143 37.30 6.87 14.10
N ALA D 144 36.33 7.64 14.57
CA ALA D 144 35.43 8.45 13.71
C ALA D 144 36.25 9.44 12.85
N GLN D 145 37.54 9.63 13.16
CA GLN D 145 38.48 10.48 12.39
C GLN D 145 38.66 9.98 10.95
N LEU D 146 38.65 8.66 10.72
CA LEU D 146 38.88 8.04 9.39
C LEU D 146 38.04 8.73 8.31
N LYS D 147 36.88 9.27 8.66
CA LYS D 147 36.01 10.03 7.73
C LYS D 147 36.61 11.43 7.44
N ASP D 148 36.93 12.21 8.49
CA ASP D 148 37.52 13.57 8.34
C ASP D 148 38.85 13.43 7.55
N ASP D 149 39.64 12.39 7.79
CA ASP D 149 40.92 12.13 7.05
C ASP D 149 40.70 11.80 5.56
N ALA D 150 39.66 11.05 5.23
CA ALA D 150 39.37 10.63 3.85
C ALA D 150 38.87 11.84 3.05
N LEU D 151 38.08 12.71 3.69
CA LEU D 151 37.59 14.00 3.13
C LEU D 151 38.78 14.96 2.90
N ASN D 152 39.80 14.97 3.78
CA ASN D 152 41.01 15.82 3.76
C ASN D 152 42.05 15.29 2.77
N GLY D 153 41.99 14.00 2.44
CA GLY D 153 42.90 13.40 1.45
C GLY D 153 44.23 13.02 2.06
N ASP D 154 44.27 12.92 3.39
CA ASP D 154 45.43 12.41 4.17
C ASP D 154 44.95 11.44 5.25
N THR D 155 45.34 10.18 5.06
CA THR D 155 44.96 8.95 5.80
C THR D 155 46.23 8.37 6.44
N GLN D 156 46.55 8.71 7.70
CA GLN D 156 47.82 8.28 8.34
C GLN D 156 48.94 8.79 7.43
N GLY D 157 49.86 7.94 6.98
CA GLY D 157 50.84 8.35 5.95
C GLY D 157 50.18 8.96 4.72
N ALA D 158 49.36 8.16 4.01
CA ALA D 158 49.09 8.26 2.55
C ALA D 158 48.22 9.49 2.21
N THR D 159 48.68 10.26 1.22
CA THR D 159 47.96 11.41 0.64
C THR D 159 47.44 11.02 -0.76
N TYR D 160 46.38 11.70 -1.19
CA TYR D 160 45.70 11.47 -2.49
C TYR D 160 44.77 12.66 -2.70
N ASN D 161 44.26 12.84 -3.92
CA ASN D 161 43.21 13.86 -4.21
C ASN D 161 41.88 13.31 -3.69
N PRO D 162 41.22 13.98 -2.72
CA PRO D 162 39.96 13.46 -2.17
C PRO D 162 38.79 13.56 -3.16
N GLU D 163 38.96 14.24 -4.29
CA GLU D 163 37.90 14.42 -5.32
C GLU D 163 38.21 13.54 -6.52
N HIS D 164 39.33 12.84 -6.51
CA HIS D 164 39.67 11.88 -7.59
C HIS D 164 40.53 10.78 -6.97
N ILE D 165 39.86 10.01 -6.11
CA ILE D 165 40.49 8.92 -5.33
C ILE D 165 40.85 7.81 -6.30
N PRO D 166 42.11 7.33 -6.29
CA PRO D 166 42.53 6.20 -7.11
C PRO D 166 41.84 4.88 -6.76
N ALA D 167 42.02 3.86 -7.61
CA ALA D 167 41.39 2.53 -7.49
C ALA D 167 41.83 1.88 -6.18
N ALA D 168 43.01 2.25 -5.68
CA ALA D 168 43.72 1.69 -4.49
C ALA D 168 44.98 2.52 -4.25
N ILE D 169 45.36 2.75 -3.00
CA ILE D 169 46.63 3.50 -2.68
C ILE D 169 47.58 2.54 -1.96
N PRO D 170 48.91 2.68 -2.17
CA PRO D 170 49.89 1.85 -1.47
C PRO D 170 49.83 2.29 0.01
N PHE D 171 49.62 1.34 0.92
CA PHE D 171 49.42 1.64 2.37
C PHE D 171 50.40 0.82 3.20
N HIS D 172 51.54 1.42 3.56
CA HIS D 172 52.52 0.74 4.46
C HIS D 172 52.72 -0.69 3.96
N GLY D 173 52.99 -1.02 2.69
CA GLY D 173 53.21 -2.39 2.18
C GLY D 173 51.94 -3.11 1.76
N LYS D 174 50.76 -2.53 2.01
CA LYS D 174 49.59 -3.24 1.43
C LYS D 174 48.78 -2.26 0.58
N LYS D 175 47.68 -2.76 0.01
CA LYS D 175 46.86 -1.90 -0.87
C LYS D 175 45.49 -1.70 -0.22
N LEU D 176 45.25 -0.42 0.05
CA LEU D 176 43.99 0.11 0.64
C LEU D 176 43.05 0.51 -0.51
N GLY D 177 41.86 -0.09 -0.56
CA GLY D 177 40.82 0.11 -1.60
C GLY D 177 40.39 1.56 -1.68
N GLY D 178 40.22 2.05 -2.91
CA GLY D 178 39.60 3.37 -3.12
C GLY D 178 38.16 3.40 -2.62
N PHE D 179 37.47 2.26 -2.67
CA PHE D 179 36.06 2.15 -2.23
C PHE D 179 36.04 2.35 -0.70
N TYR D 180 37.02 1.81 0.03
CA TYR D 180 37.19 2.08 1.48
C TYR D 180 37.09 3.58 1.71
N LEU D 181 37.87 4.36 0.94
CA LEU D 181 38.01 5.84 1.14
C LEU D 181 36.74 6.59 0.70
N ARG D 182 36.14 6.20 -0.42
CA ARG D 182 34.94 6.89 -0.97
C ARG D 182 33.76 6.66 -0.02
N THR D 183 33.58 5.44 0.49
CA THR D 183 32.53 5.18 1.53
C THR D 183 32.89 5.90 2.85
N ALA D 184 34.15 5.86 3.28
CA ALA D 184 34.62 6.61 4.48
C ALA D 184 34.10 8.06 4.47
N GLN D 185 34.19 8.74 3.33
CA GLN D 185 33.86 10.17 3.17
C GLN D 185 32.40 10.48 3.46
N VAL D 186 31.48 9.54 3.28
CA VAL D 186 30.01 9.80 3.38
C VAL D 186 29.36 8.96 4.49
N LEU D 187 30.15 8.19 5.23
CA LEU D 187 29.69 7.37 6.39
C LEU D 187 28.90 8.23 7.38
N PRO D 188 27.60 7.97 7.59
CA PRO D 188 26.84 8.70 8.60
C PRO D 188 27.06 8.08 10.00
N ILE D 189 28.30 8.22 10.49
CA ILE D 189 28.78 7.65 11.77
C ILE D 189 27.85 8.07 12.93
N TYR D 190 27.68 9.38 13.14
CA TYR D 190 27.03 9.93 14.34
C TYR D 190 25.52 10.02 14.09
N GLU D 191 25.09 10.17 12.85
CA GLU D 191 23.65 10.14 12.51
C GLU D 191 23.12 8.75 12.90
N ILE D 192 23.91 7.70 12.72
CA ILE D 192 23.43 6.30 12.97
C ILE D 192 23.68 5.94 14.43
N ALA D 193 24.84 6.30 14.99
CA ALA D 193 25.25 5.89 16.36
C ALA D 193 24.21 6.38 17.38
N LYS D 194 23.58 7.53 17.12
CA LYS D 194 22.71 8.23 18.11
C LYS D 194 21.38 7.50 18.29
N HIS D 195 20.98 6.62 17.37
CA HIS D 195 19.70 5.87 17.53
C HIS D 195 19.83 4.90 18.71
N TYR D 196 21.06 4.58 19.14
CA TYR D 196 21.34 3.67 20.29
C TYR D 196 21.28 4.47 21.59
N THR D 197 20.25 4.24 22.41
CA THR D 197 19.91 5.00 23.64
C THR D 197 20.22 4.16 24.90
N ASN D 198 20.68 2.92 24.74
CA ASN D 198 21.09 2.06 25.90
C ASN D 198 22.43 2.60 26.41
N PRO D 199 22.94 2.07 27.54
CA PRO D 199 24.23 2.52 28.09
C PRO D 199 25.43 2.32 27.17
N VAL D 200 26.32 3.33 27.12
CA VAL D 200 27.62 3.27 26.41
C VAL D 200 28.74 3.79 27.30
N SER D 201 29.85 3.08 27.32
CA SER D 201 31.09 3.62 27.89
C SER D 201 32.10 3.83 26.76
N ILE D 202 32.67 5.03 26.78
CA ILE D 202 33.66 5.59 25.81
C ILE D 202 35.02 5.66 26.52
N ILE D 203 35.98 4.84 26.15
CA ILE D 203 37.32 4.82 26.79
C ILE D 203 38.36 5.38 25.80
N VAL D 204 38.77 6.63 25.98
CA VAL D 204 39.72 7.29 25.04
C VAL D 204 40.99 7.65 25.81
N GLY D 205 42.14 7.12 25.37
CA GLY D 205 43.45 7.38 26.00
C GLY D 205 44.01 8.75 25.64
N SER D 206 44.19 9.63 26.64
CA SER D 206 44.66 11.03 26.51
C SER D 206 45.96 11.24 25.71
N ASN D 207 46.80 10.22 25.52
CA ASN D 207 48.09 10.50 24.83
C ASN D 207 48.05 10.33 23.30
N ASP D 208 47.97 9.11 22.79
CA ASP D 208 48.03 8.84 21.32
C ASP D 208 47.27 9.82 20.40
N GLN D 209 47.90 10.15 19.28
CA GLN D 209 47.29 11.09 18.31
C GLN D 209 46.98 10.40 16.98
N VAL D 210 46.59 9.12 17.04
CA VAL D 210 46.05 8.44 15.83
C VAL D 210 44.67 9.06 15.62
N VAL D 211 43.92 9.25 16.71
CA VAL D 211 42.56 9.83 16.60
C VAL D 211 42.41 11.02 17.57
N ALA D 212 41.91 12.17 17.12
CA ALA D 212 41.73 13.26 18.09
C ALA D 212 40.66 12.90 19.13
N PRO D 213 40.92 13.01 20.45
CA PRO D 213 39.89 12.76 21.46
C PRO D 213 38.55 13.52 21.39
N LYS D 214 38.43 14.60 20.63
CA LYS D 214 37.14 15.29 20.38
C LYS D 214 36.14 14.32 19.72
N TYR D 215 36.59 13.42 18.85
CA TYR D 215 35.69 12.40 18.24
C TYR D 215 34.92 11.71 19.37
N SER D 216 35.63 11.18 20.38
CA SER D 216 35.02 10.50 21.57
C SER D 216 34.04 11.43 22.28
N LYS D 217 34.41 12.69 22.43
CA LYS D 217 33.58 13.70 23.13
C LYS D 217 32.31 13.96 22.33
N LYS D 218 32.39 13.90 21.00
CA LYS D 218 31.20 14.07 20.14
C LYS D 218 30.22 12.93 20.44
N TYR D 219 30.74 11.72 20.62
CA TYR D 219 29.92 10.52 20.97
C TYR D 219 29.14 10.81 22.25
N ASP D 220 29.78 11.40 23.28
CA ASP D 220 29.10 11.68 24.57
C ASP D 220 27.98 12.69 24.39
N GLU D 221 28.17 13.70 23.56
CA GLU D 221 27.12 14.73 23.44
C GLU D 221 25.95 14.19 22.61
N VAL D 222 26.24 13.25 21.72
CA VAL D 222 25.18 12.64 20.88
C VAL D 222 24.54 11.46 21.62
N TYR D 223 25.29 10.76 22.48
CA TYR D 223 24.70 9.60 23.19
C TYR D 223 23.80 10.04 24.36
N GLU D 224 22.58 9.55 24.37
CA GLU D 224 21.62 9.87 25.45
C GLU D 224 22.10 9.32 26.80
N ASN D 225 22.77 8.17 26.80
CA ASN D 225 23.20 7.51 28.06
C ASN D 225 24.66 7.05 27.97
N SER D 226 25.59 7.99 27.99
CA SER D 226 27.03 7.67 27.86
C SER D 226 27.80 8.16 29.08
N GLU D 227 28.97 7.54 29.28
CA GLU D 227 29.99 7.92 30.28
C GLU D 227 31.32 7.94 29.52
N LEU D 228 32.04 9.06 29.59
CA LEU D 228 33.35 9.17 28.89
C LEU D 228 34.45 9.02 29.93
N HIS D 229 35.39 8.12 29.69
CA HIS D 229 36.53 7.91 30.60
C HIS D 229 37.81 8.32 29.87
N MET D 230 38.37 9.49 30.18
CA MET D 230 39.60 9.96 29.52
C MET D 230 40.86 9.44 30.24
N VAL D 231 41.26 8.20 30.01
CA VAL D 231 42.46 7.60 30.65
C VAL D 231 43.66 8.53 30.48
N PRO D 232 44.30 9.03 31.55
CA PRO D 232 45.48 9.88 31.43
C PRO D 232 46.72 9.15 30.89
N ASP D 233 47.38 9.80 29.94
CA ASP D 233 48.64 9.38 29.26
C ASP D 233 48.50 8.08 28.45
N ALA D 234 47.29 7.63 28.10
CA ALA D 234 47.18 6.33 27.41
C ALA D 234 47.42 6.46 25.90
N ASP D 235 48.03 5.43 25.32
CA ASP D 235 48.27 5.35 23.86
C ASP D 235 47.00 4.91 23.13
N HIS D 236 47.08 4.84 21.80
CA HIS D 236 45.86 4.52 21.00
C HIS D 236 45.56 3.02 21.05
N SER D 237 46.55 2.18 21.22
CA SER D 237 46.17 0.75 21.25
C SER D 237 46.25 0.19 22.68
N PHE D 238 46.28 1.11 23.66
CA PHE D 238 46.24 0.73 25.09
C PHE D 238 47.25 -0.38 25.37
N THR D 239 48.54 -0.07 25.22
CA THR D 239 49.62 -1.08 25.40
C THR D 239 50.16 -1.12 26.83
N GLY D 240 50.70 -2.28 27.19
CA GLY D 240 51.28 -2.59 28.49
C GLY D 240 50.42 -2.13 29.65
N GLN D 241 50.95 -1.26 30.49
CA GLN D 241 50.24 -0.84 31.71
C GLN D 241 48.87 -0.28 31.34
N TYR D 242 48.76 0.31 30.15
CA TYR D 242 47.44 0.94 29.86
C TYR D 242 46.38 -0.11 29.46
N LYS D 243 46.83 -1.26 28.95
CA LYS D 243 45.92 -2.38 28.58
C LYS D 243 45.04 -2.73 29.78
N ASP D 244 45.54 -2.65 31.02
CA ASP D 244 44.71 -3.18 32.13
C ASP D 244 43.79 -2.06 32.63
N SER D 245 44.10 -0.77 32.49
CA SER D 245 43.12 0.30 32.78
C SER D 245 41.94 0.19 31.77
N ALA D 246 42.22 -0.18 30.51
CA ALA D 246 41.20 -0.24 29.43
C ALA D 246 40.23 -1.40 29.74
N VAL D 247 40.79 -2.57 29.98
CA VAL D 247 40.08 -3.84 30.31
C VAL D 247 39.17 -3.60 31.53
N ASP D 248 39.75 -3.28 32.69
CA ASP D 248 39.03 -3.15 33.99
C ASP D 248 37.84 -2.20 33.81
N LEU D 249 38.01 -1.11 33.05
CA LEU D 249 36.90 -0.19 32.69
C LEU D 249 35.85 -0.92 31.82
N THR D 250 36.30 -1.79 30.90
CA THR D 250 35.41 -2.61 30.03
C THR D 250 34.58 -3.51 30.96
N ALA D 251 35.29 -4.35 31.73
CA ALA D 251 34.73 -5.37 32.63
C ALA D 251 33.75 -4.75 33.64
N GLU D 252 34.08 -3.58 34.19
CA GLU D 252 33.30 -2.84 35.24
C GLU D 252 31.93 -2.44 34.68
N PHE D 253 31.95 -1.98 33.44
CA PHE D 253 30.72 -1.51 32.77
C PHE D 253 29.85 -2.68 32.30
N LEU D 254 30.43 -3.82 31.94
CA LEU D 254 29.70 -4.96 31.34
C LEU D 254 29.34 -6.03 32.36
N LYS D 255 29.96 -6.02 33.54
CA LYS D 255 29.67 -7.02 34.59
C LYS D 255 28.20 -6.91 35.02
N PRO D 256 27.49 -8.04 35.26
CA PRO D 256 26.09 -8.00 35.66
C PRO D 256 25.94 -7.61 37.14
CAA ZYC E . -40.30 10.60 0.99
CAB ZYC E . -41.55 3.76 3.51
OAC ZYC E . -43.55 11.35 2.40
OAD ZYC E . -42.30 4.20 7.45
CAE ZYC E . -42.91 9.74 4.12
CAF ZYC E . -42.02 8.84 4.37
CAG ZYC E . -42.50 7.70 6.51
CAH ZYC E . -42.57 6.54 7.27
CAI ZYC E . -41.77 6.41 4.62
CAJ ZYC E . -41.66 10.78 1.00
OAK ZYC E . -41.48 4.01 4.92
OAL ZYC E . -41.82 10.08 2.22
CAM ZYC E . -42.82 10.47 2.85
CAN ZYC E . -42.15 7.64 5.17
CAO ZYC E . -42.23 5.32 6.71
CAP ZYC E . -41.84 5.25 5.36
CAA ZYC F . -12.10 -8.99 -3.26
CAB ZYC F . -10.54 -1.81 -3.23
OAC ZYC F . -8.56 -9.40 -3.39
OAD ZYC F . -7.97 -1.25 -0.02
CAE ZYC F . -8.48 -7.38 -2.05
CAF ZYC F . -9.23 -6.38 -1.77
CAG ZYC F . -7.96 -4.84 -0.26
CAH ZYC F . -7.66 -3.55 0.15
CAI ZYC F . -9.47 -3.98 -1.90
CAJ ZYC F . -10.89 -9.07 -3.91
OAK ZYC F . -9.75 -1.60 -2.07
OAL ZYC F . -10.27 -8.12 -3.09
CAM ZYC F . -9.07 -8.42 -2.90
CAN ZYC F . -8.84 -5.07 -1.30
CAO ZYC F . -8.28 -2.48 -0.46
CAP ZYC F . -9.18 -2.71 -1.51
CAA ZYC G . 11.26 -3.68 -9.34
CAB ZYC G . 11.34 -3.20 -0.63
OAC ZYC G . 12.59 -2.03 -7.43
OAD ZYC G . 9.15 -0.18 0.21
CAE ZYC G . 11.34 -1.14 -5.72
CAF ZYC G . 10.20 -0.81 -5.22
CAG ZYC G . 8.91 0.19 -3.37
CAH ZYC G . 8.67 0.35 -2.02
CAI ZYC G . 10.67 -1.33 -2.87
CAJ ZYC G . 10.48 -2.40 -9.08
OAK ZYC G . 11.13 -1.82 -0.54
OAL ZYC G . 10.44 -1.83 -7.75
CAM ZYC G . 11.54 -1.76 -7.02
CAN ZYC G . 9.92 -0.64 -3.81
CAO ZYC G . 9.42 -0.33 -1.10
CAP ZYC G . 10.43 -1.20 -1.53
CAA ZYC H . 44.09 -0.54 15.29
CAB ZYC H . 42.08 4.28 7.77
OAC ZYC H . 40.98 1.65 13.98
OAD ZYC H . 42.50 8.06 9.07
CAE ZYC H . 42.74 2.94 13.05
CAF ZYC H . 42.15 4.10 12.98
CAG ZYC H . 42.49 6.41 12.29
CAH ZYC H . 42.59 7.41 11.34
CAI ZYC H . 42.08 4.79 10.58
CAJ ZYC H . 43.94 0.84 14.80
OAK ZYC H . 42.02 5.60 8.28
OAL ZYC H . 42.96 0.77 13.74
CAM ZYC H . 42.12 1.75 13.64
CAN ZYC H . 42.24 5.10 11.94
CAO ZYC H . 42.41 7.09 10.01
CAP ZYC H . 42.18 5.78 9.62
#